data_2JKL
#
_entry.id   2JKL
#
_cell.length_a   119.600
_cell.length_b   119.600
_cell.length_c   57.800
_cell.angle_alpha   90.00
_cell.angle_beta   90.00
_cell.angle_gamma   120.00
#
_symmetry.space_group_name_H-M   'P 3'
#
loop_
_entity.id
_entity.type
_entity.pdbx_description
1 polymer 'DR HEMAGGLUTININ STRUCTURAL SUBUNIT'
2 non-polymer 'SULFATE ION'
3 non-polymer 1,2-ETHANEDIOL
4 non-polymer BROMAMPHENICOL
5 non-polymer CHLORAMPHENICOL
6 water water
#
_entity_poly.entity_id   1
_entity_poly.type   'polypeptide(L)'
_entity_poly.pdbx_seq_one_letter_code
;RGSHHHHHHGSFTPSGTTGTTKLTVTEKCQVRVGDLTVAKTRGQLTDAAPIGPVTVQALGCDARQVALKADTDNFEQGKF
FLISDNNRDKLYVNIRPTDNSAWTTDNGVFYKNDVGSWGGIIGIYVDGQQTNTPPGNYTLTLTGGYWAK
;
_entity_poly.pdbx_strand_id   A,B,C,D,E,F
#
loop_
_chem_comp.id
_chem_comp.type
_chem_comp.name
_chem_comp.formula
BRX non-polymer BROMAMPHENICOL 'C11 H12 Br2 N2 O5'
CLM non-polymer CHLORAMPHENICOL 'C11 H12 Cl2 N2 O5'
EDO non-polymer 1,2-ETHANEDIOL 'C2 H6 O2'
SO4 non-polymer 'SULFATE ION' 'O4 S -2'
#
# COMPACT_ATOMS: atom_id res chain seq x y z
N GLY A 10 30.16 1.88 -11.35
CA GLY A 10 29.37 0.76 -11.83
C GLY A 10 27.92 1.17 -12.04
N SER A 11 27.33 0.71 -13.14
CA SER A 11 25.95 1.05 -13.43
C SER A 11 25.20 -0.12 -14.06
N PHE A 12 24.04 -0.44 -13.49
CA PHE A 12 23.20 -1.52 -14.00
C PHE A 12 22.05 -0.97 -14.83
N THR A 13 21.85 -1.57 -16.01
CA THR A 13 20.76 -1.19 -16.89
C THR A 13 19.74 -2.33 -16.94
N PRO A 14 18.55 -2.11 -16.38
CA PRO A 14 17.50 -3.14 -16.41
C PRO A 14 17.15 -3.43 -17.88
N SER A 15 17.25 -4.69 -18.26
CA SER A 15 16.94 -5.11 -19.63
C SER A 15 16.79 -6.61 -19.67
N GLY A 16 15.58 -7.08 -19.32
CA GLY A 16 15.33 -8.51 -19.29
C GLY A 16 14.13 -8.79 -18.38
N THR A 17 13.95 -10.07 -18.06
CA THR A 17 12.83 -10.49 -17.24
C THR A 17 13.26 -10.71 -15.79
N THR A 18 12.29 -11.04 -14.95
CA THR A 18 12.52 -11.23 -13.53
C THR A 18 12.27 -12.68 -13.10
N GLY A 19 13.21 -13.20 -12.31
CA GLY A 19 13.10 -14.55 -11.78
C GLY A 19 12.88 -14.41 -10.27
N THR A 20 11.97 -15.19 -9.73
CA THR A 20 11.66 -15.12 -8.30
C THR A 20 11.91 -16.46 -7.62
N THR A 21 12.79 -16.45 -6.61
CA THR A 21 13.12 -17.65 -5.85
C THR A 21 12.32 -17.61 -4.56
N LYS A 22 11.46 -18.60 -4.35
CA LYS A 22 10.63 -18.65 -3.16
C LYS A 22 10.93 -19.87 -2.31
N LEU A 23 10.81 -19.69 -1.00
CA LEU A 23 11.05 -20.78 -0.07
C LEU A 23 10.18 -20.58 1.16
N THR A 24 9.46 -21.61 1.54
CA THR A 24 8.66 -21.56 2.76
C THR A 24 9.43 -22.33 3.82
N VAL A 25 9.72 -21.68 4.94
CA VAL A 25 10.44 -22.30 6.05
C VAL A 25 9.41 -22.74 7.08
N THR A 26 9.56 -23.94 7.61
CA THR A 26 8.61 -24.48 8.58
C THR A 26 9.37 -25.11 9.74
N GLU A 27 8.63 -25.63 10.71
CA GLU A 27 9.20 -26.37 11.82
C GLU A 27 9.24 -27.84 11.36
N LYS A 28 9.64 -28.74 12.26
CA LYS A 28 9.67 -30.17 11.96
C LYS A 28 8.29 -30.68 11.56
N CYS A 29 7.26 -30.26 12.29
CA CYS A 29 5.89 -30.62 11.94
C CYS A 29 5.50 -29.60 10.88
N GLN A 30 5.40 -30.10 9.65
CA GLN A 30 5.21 -29.30 8.45
C GLN A 30 3.89 -29.67 7.75
N VAL A 31 3.03 -28.68 7.54
CA VAL A 31 1.74 -28.93 6.92
C VAL A 31 1.61 -28.27 5.54
N ARG A 32 1.73 -29.09 4.51
CA ARG A 32 1.67 -28.59 3.13
C ARG A 32 0.24 -28.52 2.64
N VAL A 33 -0.20 -27.31 2.33
CA VAL A 33 -1.56 -27.05 1.87
C VAL A 33 -1.57 -26.61 0.40
N GLY A 34 -2.35 -27.30 -0.41
CA GLY A 34 -2.44 -26.96 -1.82
C GLY A 34 -1.27 -27.51 -2.64
N ASP A 35 -1.05 -26.90 -3.79
CA ASP A 35 -0.02 -27.37 -4.72
C ASP A 35 1.39 -27.34 -4.14
N LEU A 36 2.20 -28.28 -4.62
CA LEU A 36 3.58 -28.39 -4.21
C LEU A 36 4.34 -27.08 -4.45
N THR A 37 5.14 -26.69 -3.48
CA THR A 37 5.98 -25.49 -3.57
C THR A 37 7.27 -25.84 -2.84
N VAL A 38 8.30 -25.01 -3.00
CA VAL A 38 9.57 -25.27 -2.31
C VAL A 38 9.43 -24.97 -0.83
N ALA A 39 9.61 -25.98 0.00
CA ALA A 39 9.52 -25.81 1.44
C ALA A 39 10.59 -26.64 2.13
N LYS A 40 11.13 -26.12 3.22
CA LYS A 40 12.14 -26.80 4.01
C LYS A 40 11.93 -26.50 5.50
N THR A 41 12.30 -27.45 6.35
CA THR A 41 12.22 -27.23 7.79
C THR A 41 13.42 -26.36 8.11
N ARG A 42 13.37 -25.60 9.20
CA ARG A 42 14.50 -24.75 9.53
C ARG A 42 15.76 -25.58 9.80
N GLY A 43 15.56 -26.83 10.22
CA GLY A 43 16.68 -27.74 10.47
C GLY A 43 17.45 -28.05 9.18
N GLN A 44 16.79 -27.87 8.03
CA GLN A 44 17.42 -28.15 6.74
C GLN A 44 18.22 -26.97 6.21
N LEU A 45 18.14 -25.85 6.89
CA LEU A 45 18.86 -24.65 6.46
C LEU A 45 20.32 -24.68 6.90
N THR A 46 21.02 -25.74 6.52
CA THR A 46 22.43 -25.90 6.84
C THR A 46 23.29 -25.10 5.86
N ASP A 47 24.56 -24.91 6.21
CA ASP A 47 25.47 -24.16 5.35
C ASP A 47 25.60 -24.80 3.97
N ALA A 48 25.46 -23.97 2.93
CA ALA A 48 25.57 -24.44 1.55
C ALA A 48 24.39 -25.26 1.05
N ALA A 49 23.31 -25.33 1.84
CA ALA A 49 22.14 -26.08 1.40
C ALA A 49 21.55 -25.39 0.17
N PRO A 50 21.26 -26.17 -0.87
CA PRO A 50 20.69 -25.60 -2.09
C PRO A 50 19.24 -25.15 -1.89
N ILE A 51 18.92 -23.97 -2.40
CA ILE A 51 17.56 -23.45 -2.31
C ILE A 51 16.85 -23.68 -3.64
N GLY A 52 17.55 -23.40 -4.73
CA GLY A 52 16.97 -23.61 -6.05
C GLY A 52 17.78 -22.92 -7.13
N PRO A 53 17.66 -23.41 -8.36
CA PRO A 53 18.41 -22.85 -9.47
C PRO A 53 17.62 -21.71 -10.10
N VAL A 54 18.35 -20.83 -10.78
CA VAL A 54 17.75 -19.71 -11.49
C VAL A 54 18.32 -19.76 -12.91
N THR A 55 17.47 -19.96 -13.91
CA THR A 55 17.97 -20.01 -15.28
C THR A 55 18.24 -18.61 -15.81
N VAL A 56 19.26 -18.49 -16.65
CA VAL A 56 19.60 -17.23 -17.27
C VAL A 56 19.91 -17.48 -18.75
N GLN A 57 19.24 -16.72 -19.62
CA GLN A 57 19.47 -16.82 -21.05
C GLN A 57 19.56 -15.41 -21.63
N ALA A 58 20.76 -15.03 -22.05
CA ALA A 58 20.98 -13.71 -22.62
C ALA A 58 21.02 -13.78 -24.14
N LEU A 59 20.54 -12.71 -24.76
CA LEU A 59 20.50 -12.59 -26.23
C LEU A 59 20.84 -11.16 -26.59
N GLY A 60 21.67 -10.99 -27.63
CA GLY A 60 22.05 -9.66 -28.10
C GLY A 60 23.05 -8.95 -27.19
N CYS A 61 23.76 -9.72 -26.36
CA CYS A 61 24.73 -9.14 -25.43
C CYS A 61 26.19 -9.44 -25.76
N ASP A 62 26.51 -9.52 -27.04
CA ASP A 62 27.88 -9.82 -27.46
C ASP A 62 28.87 -8.77 -26.94
N ALA A 63 28.41 -7.55 -26.74
CA ALA A 63 29.29 -6.48 -26.29
C ALA A 63 28.91 -5.88 -24.94
N ARG A 64 28.16 -6.62 -24.14
CA ARG A 64 27.76 -6.15 -22.80
C ARG A 64 28.02 -7.24 -21.77
N GLN A 65 28.17 -6.85 -20.52
CA GLN A 65 28.36 -7.80 -19.43
C GLN A 65 26.99 -8.12 -18.82
N VAL A 66 26.59 -9.38 -18.93
CA VAL A 66 25.30 -9.82 -18.38
C VAL A 66 25.27 -9.60 -16.87
N ALA A 67 24.11 -9.19 -16.37
CA ALA A 67 23.95 -8.91 -14.93
C ALA A 67 22.56 -9.24 -14.40
N LEU A 68 22.49 -9.45 -13.08
CA LEU A 68 21.26 -9.71 -12.38
C LEU A 68 21.25 -8.74 -11.22
N LYS A 69 20.15 -8.03 -11.02
CA LYS A 69 20.05 -7.09 -9.90
C LYS A 69 18.98 -7.58 -8.94
N ALA A 70 19.33 -7.63 -7.66
CA ALA A 70 18.39 -8.07 -6.62
C ALA A 70 17.49 -6.90 -6.22
N ASP A 71 16.26 -7.21 -5.83
CA ASP A 71 15.33 -6.18 -5.36
C ASP A 71 15.99 -5.48 -4.17
N THR A 72 15.64 -4.22 -3.94
CA THR A 72 16.23 -3.43 -2.85
C THR A 72 16.15 -4.15 -1.51
N ASP A 73 15.05 -4.84 -1.28
CA ASP A 73 14.81 -5.52 -0.01
C ASP A 73 15.58 -6.83 0.14
N ASN A 74 16.33 -7.22 -0.90
CA ASN A 74 17.05 -8.49 -0.88
C ASN A 74 18.57 -8.35 -0.73
N PHE A 75 19.05 -7.13 -0.55
CA PHE A 75 20.48 -6.94 -0.38
C PHE A 75 20.79 -5.78 0.52
N GLU A 76 21.93 -5.88 1.20
CA GLU A 76 22.38 -4.83 2.10
C GLU A 76 23.83 -5.11 2.51
N GLN A 77 24.73 -4.18 2.22
CA GLN A 77 26.13 -4.33 2.61
C GLN A 77 26.84 -5.50 1.98
N GLY A 78 26.83 -5.56 0.66
CA GLY A 78 27.53 -6.63 -0.07
C GLY A 78 26.93 -8.01 0.14
N LYS A 79 25.85 -8.12 0.91
CA LYS A 79 25.25 -9.44 1.15
C LYS A 79 23.87 -9.60 0.53
N PHE A 80 23.57 -10.81 0.06
CA PHE A 80 22.25 -11.10 -0.53
C PHE A 80 21.45 -11.95 0.45
N PHE A 81 20.13 -11.85 0.41
CA PHE A 81 19.28 -12.65 1.29
C PHE A 81 17.84 -12.72 0.82
N LEU A 82 17.18 -13.85 1.07
CA LEU A 82 15.76 -13.94 0.80
C LEU A 82 15.15 -13.16 1.96
N ILE A 83 13.98 -12.58 1.74
CA ILE A 83 13.34 -11.80 2.79
C ILE A 83 11.91 -12.30 3.03
N SER A 84 11.49 -12.32 4.29
CA SER A 84 10.15 -12.78 4.65
C SER A 84 9.08 -11.86 4.08
N ASP A 85 7.85 -12.36 4.05
CA ASP A 85 6.73 -11.59 3.52
C ASP A 85 6.55 -10.25 4.22
N ASN A 86 6.82 -10.21 5.52
CA ASN A 86 6.66 -8.97 6.29
C ASN A 86 7.90 -8.07 6.25
N ASN A 87 8.88 -8.45 5.43
CA ASN A 87 10.09 -7.66 5.26
C ASN A 87 11.03 -7.64 6.45
N ARG A 88 10.71 -8.44 7.46
CA ARG A 88 11.48 -8.44 8.70
C ARG A 88 12.64 -9.41 8.82
N ASP A 89 12.43 -10.66 8.39
CA ASP A 89 13.44 -11.71 8.56
C ASP A 89 14.26 -12.06 7.32
N LYS A 90 15.56 -12.22 7.51
CA LYS A 90 16.47 -12.51 6.41
C LYS A 90 17.01 -13.93 6.42
N LEU A 91 17.26 -14.45 5.22
CA LEU A 91 17.89 -15.76 5.05
C LEU A 91 19.04 -15.49 4.08
N TYR A 92 20.24 -15.33 4.64
CA TYR A 92 21.41 -15.02 3.83
C TYR A 92 21.77 -16.14 2.87
N VAL A 93 22.06 -15.78 1.62
CA VAL A 93 22.43 -16.77 0.62
C VAL A 93 23.66 -16.34 -0.16
N ASN A 94 24.24 -17.33 -0.85
CA ASN A 94 25.33 -17.10 -1.77
C ASN A 94 24.74 -17.37 -3.15
N ILE A 95 25.16 -16.58 -4.12
CA ILE A 95 24.70 -16.72 -5.51
C ILE A 95 25.92 -17.11 -6.32
N ARG A 96 25.83 -18.23 -7.03
CA ARG A 96 26.98 -18.75 -7.78
C ARG A 96 26.57 -19.50 -9.05
N PRO A 97 27.21 -19.17 -10.17
CA PRO A 97 26.93 -19.88 -11.41
C PRO A 97 27.41 -21.32 -11.27
N THR A 98 26.71 -22.25 -11.91
CA THR A 98 27.07 -23.66 -11.83
C THR A 98 28.33 -23.97 -12.62
N ASP A 99 28.63 -23.14 -13.62
CA ASP A 99 29.82 -23.35 -14.44
C ASP A 99 31.03 -22.65 -13.84
N ASN A 100 32.11 -22.54 -14.60
CA ASN A 100 33.34 -21.94 -14.11
C ASN A 100 33.53 -20.46 -14.44
N SER A 101 32.45 -19.80 -14.84
CA SER A 101 32.52 -18.38 -15.21
C SER A 101 32.75 -17.46 -14.01
N ALA A 102 33.45 -16.36 -14.26
CA ALA A 102 33.79 -15.40 -13.22
C ALA A 102 32.78 -14.26 -13.16
N TRP A 103 32.27 -13.97 -11.96
CA TRP A 103 31.30 -12.91 -11.73
C TRP A 103 31.75 -12.04 -10.57
N THR A 104 31.13 -10.86 -10.46
CA THR A 104 31.43 -9.88 -9.42
C THR A 104 30.15 -9.35 -8.80
N THR A 105 30.21 -8.99 -7.52
CA THR A 105 29.07 -8.42 -6.79
C THR A 105 29.36 -6.95 -6.57
N ASP A 106 28.38 -6.10 -6.86
CA ASP A 106 28.51 -4.67 -6.65
C ASP A 106 27.19 -4.06 -6.22
N ASN A 107 27.03 -3.86 -4.92
CA ASN A 107 25.84 -3.22 -4.39
C ASN A 107 24.51 -3.78 -4.92
N GLY A 108 24.27 -5.06 -4.70
CA GLY A 108 23.00 -5.65 -5.11
C GLY A 108 23.01 -6.20 -6.54
N VAL A 109 24.09 -5.92 -7.26
CA VAL A 109 24.22 -6.38 -8.64
C VAL A 109 25.24 -7.51 -8.73
N PHE A 110 24.86 -8.59 -9.43
CA PHE A 110 25.77 -9.73 -9.63
C PHE A 110 26.02 -9.75 -11.13
N TYR A 111 27.21 -9.36 -11.55
CA TYR A 111 27.54 -9.27 -12.97
C TYR A 111 28.69 -10.15 -13.45
N LYS A 112 28.65 -10.49 -14.73
CA LYS A 112 29.67 -11.34 -15.35
C LYS A 112 30.90 -10.50 -15.69
N ASN A 113 32.09 -11.05 -15.42
CA ASN A 113 33.35 -10.34 -15.66
C ASN A 113 33.68 -10.04 -17.11
N ASP A 114 33.17 -10.86 -18.01
CA ASP A 114 33.45 -10.69 -19.44
C ASP A 114 32.15 -10.46 -20.21
N VAL A 115 32.24 -9.76 -21.34
CA VAL A 115 31.07 -9.50 -22.16
C VAL A 115 30.64 -10.79 -22.84
N GLY A 116 29.44 -10.81 -23.42
CA GLY A 116 28.96 -12.00 -24.11
C GLY A 116 27.53 -12.39 -23.73
N SER A 117 26.85 -13.06 -24.66
CA SER A 117 25.48 -13.50 -24.43
C SER A 117 25.48 -14.84 -23.70
N TRP A 118 25.76 -14.77 -22.41
CA TRP A 118 25.81 -15.96 -21.56
C TRP A 118 24.45 -16.60 -21.31
N GLY A 119 24.45 -17.93 -21.27
CA GLY A 119 23.29 -18.72 -20.91
C GLY A 119 23.84 -19.63 -19.82
N GLY A 120 23.08 -19.84 -18.75
CA GLY A 120 23.56 -20.70 -17.68
C GLY A 120 22.63 -20.81 -16.50
N ILE A 121 23.09 -21.50 -15.46
CA ILE A 121 22.30 -21.68 -14.26
C ILE A 121 23.00 -20.98 -13.10
N ILE A 122 22.24 -20.23 -12.32
CA ILE A 122 22.76 -19.55 -11.15
C ILE A 122 22.15 -20.28 -9.95
N GLY A 123 23.00 -20.82 -9.10
CA GLY A 123 22.51 -21.53 -7.92
C GLY A 123 22.36 -20.58 -6.73
N ILE A 124 21.33 -20.81 -5.93
CA ILE A 124 21.08 -20.03 -4.72
C ILE A 124 21.29 -20.99 -3.55
N TYR A 125 22.28 -20.69 -2.70
CA TYR A 125 22.61 -21.55 -1.56
C TYR A 125 22.58 -20.83 -0.22
N VAL A 126 22.19 -21.55 0.82
CA VAL A 126 22.18 -20.99 2.17
C VAL A 126 23.63 -20.59 2.54
N ASP A 127 23.80 -19.37 3.02
CA ASP A 127 25.12 -18.87 3.41
C ASP A 127 25.27 -18.90 4.94
N GLY A 128 25.91 -19.95 5.45
CA GLY A 128 26.08 -20.14 6.89
C GLY A 128 24.84 -20.84 7.46
N GLN A 129 25.02 -21.76 8.41
CA GLN A 129 23.86 -22.45 8.97
C GLN A 129 22.90 -21.46 9.60
N GLN A 130 21.63 -21.55 9.23
CA GLN A 130 20.60 -20.64 9.74
C GLN A 130 19.39 -21.44 10.19
N THR A 131 19.65 -22.48 10.97
CA THR A 131 18.62 -23.38 11.45
C THR A 131 17.65 -22.75 12.45
N ASN A 132 17.86 -21.47 12.77
CA ASN A 132 16.98 -20.76 13.69
C ASN A 132 16.03 -19.82 12.97
N THR A 133 16.06 -19.87 11.64
CA THR A 133 15.21 -19.01 10.83
C THR A 133 13.75 -19.17 11.25
N PRO A 134 13.05 -18.06 11.43
CA PRO A 134 11.64 -18.11 11.80
C PRO A 134 10.81 -18.67 10.64
N PRO A 135 9.82 -19.52 10.94
CA PRO A 135 8.97 -20.05 9.87
C PRO A 135 8.28 -18.90 9.16
N GLY A 136 8.14 -19.01 7.85
CA GLY A 136 7.49 -17.97 7.05
C GLY A 136 7.77 -18.19 5.58
N ASN A 137 7.29 -17.27 4.73
CA ASN A 137 7.52 -17.35 3.29
C ASN A 137 8.61 -16.35 2.93
N TYR A 138 9.64 -16.83 2.27
CA TYR A 138 10.81 -16.04 1.92
C TYR A 138 10.98 -15.91 0.41
N THR A 139 11.41 -14.74 -0.05
CA THR A 139 11.56 -14.49 -1.46
C THR A 139 12.84 -13.76 -1.83
N LEU A 140 13.39 -14.09 -2.99
CA LEU A 140 14.54 -13.40 -3.57
C LEU A 140 14.16 -13.08 -5.02
N THR A 141 14.18 -11.81 -5.38
CA THR A 141 13.81 -11.39 -6.73
C THR A 141 15.03 -10.85 -7.47
N LEU A 142 15.27 -11.39 -8.66
CA LEU A 142 16.42 -11.00 -9.48
C LEU A 142 15.97 -10.57 -10.88
N THR A 143 16.39 -9.38 -11.30
CA THR A 143 16.03 -8.83 -12.60
C THR A 143 17.24 -8.85 -13.55
N GLY A 144 17.00 -9.26 -14.80
CA GLY A 144 18.07 -9.34 -15.79
C GLY A 144 18.39 -7.98 -16.42
N GLY A 145 19.64 -7.81 -16.81
CA GLY A 145 20.07 -6.57 -17.46
C GLY A 145 21.55 -6.66 -17.75
N TYR A 146 22.22 -5.52 -17.85
CA TYR A 146 23.65 -5.52 -18.09
C TYR A 146 24.37 -4.45 -17.27
N TRP A 147 25.66 -4.67 -17.04
CA TRP A 147 26.49 -3.79 -16.21
C TRP A 147 27.63 -3.19 -17.02
N ALA A 148 28.08 -2.01 -16.60
CA ALA A 148 29.18 -1.31 -17.27
C ALA A 148 29.92 -0.39 -16.30
N GLY B 10 26.53 -14.15 18.90
CA GLY B 10 26.93 -15.50 19.25
C GLY B 10 27.93 -15.53 20.40
N SER B 11 28.09 -16.70 21.01
CA SER B 11 29.03 -16.85 22.11
C SER B 11 29.53 -18.29 22.24
N PHE B 12 30.68 -18.45 22.88
CA PHE B 12 31.30 -19.76 23.04
C PHE B 12 30.92 -20.44 24.36
N THR B 13 30.55 -21.71 24.26
CA THR B 13 30.24 -22.53 25.43
C THR B 13 31.31 -23.60 25.54
N PRO B 14 32.12 -23.55 26.60
CA PRO B 14 33.15 -24.57 26.80
C PRO B 14 32.48 -25.92 27.03
N SER B 15 32.87 -26.91 26.25
CA SER B 15 32.32 -28.25 26.35
C SER B 15 33.19 -29.23 25.56
N GLY B 16 34.26 -29.69 26.19
CA GLY B 16 35.18 -30.59 25.52
C GLY B 16 36.52 -30.56 26.23
N THR B 17 37.53 -31.13 25.59
CA THR B 17 38.86 -31.20 26.15
C THR B 17 39.76 -30.15 25.53
N THR B 18 40.99 -30.11 26.00
CA THR B 18 41.96 -29.10 25.58
C THR B 18 43.16 -29.71 24.87
N GLY B 19 43.53 -29.11 23.76
CA GLY B 19 44.68 -29.55 22.98
C GLY B 19 45.75 -28.47 23.10
N THR B 20 46.99 -28.88 23.33
CA THR B 20 48.08 -27.93 23.50
C THR B 20 49.14 -28.12 22.44
N THR B 21 49.42 -27.07 21.68
CA THR B 21 50.44 -27.11 20.64
C THR B 21 51.68 -26.44 21.21
N LYS B 22 52.79 -27.18 21.25
CA LYS B 22 54.02 -26.67 21.82
C LYS B 22 55.14 -26.64 20.80
N LEU B 23 55.97 -25.61 20.88
CA LEU B 23 57.10 -25.51 19.98
C LEU B 23 58.27 -24.83 20.68
N THR B 24 59.45 -25.43 20.57
CA THR B 24 60.65 -24.82 21.13
C THR B 24 61.41 -24.24 19.94
N VAL B 25 61.67 -22.95 19.98
CA VAL B 25 62.42 -22.26 18.92
C VAL B 25 63.87 -22.16 19.38
N THR B 26 64.81 -22.43 18.49
CA THR B 26 66.23 -22.39 18.84
C THR B 26 67.03 -21.62 17.80
N GLU B 27 68.34 -21.51 18.00
CA GLU B 27 69.23 -20.93 17.00
C GLU B 27 69.70 -22.10 16.15
N LYS B 28 70.57 -21.83 15.18
CA LYS B 28 71.16 -22.86 14.33
C LYS B 28 71.82 -23.96 15.15
N CYS B 29 72.62 -23.59 16.15
CA CYS B 29 73.24 -24.57 17.02
C CYS B 29 72.16 -24.88 18.05
N GLN B 30 71.59 -26.07 17.89
CA GLN B 30 70.42 -26.52 18.64
C GLN B 30 70.78 -27.75 19.50
N VAL B 31 70.50 -27.67 20.80
CA VAL B 31 70.84 -28.74 21.73
C VAL B 31 69.59 -29.38 22.35
N ARG B 32 69.25 -30.57 21.87
CA ARG B 32 68.06 -31.28 22.33
C ARG B 32 68.38 -32.12 23.55
N VAL B 33 67.73 -31.80 24.66
CA VAL B 33 67.94 -32.49 25.93
C VAL B 33 66.72 -33.30 26.30
N GLY B 34 66.91 -34.57 26.63
CA GLY B 34 65.79 -35.41 27.02
C GLY B 34 64.96 -35.88 25.83
N ASP B 35 63.74 -36.34 26.11
CA ASP B 35 62.86 -36.87 25.10
C ASP B 35 62.55 -35.93 23.94
N LEU B 36 62.31 -36.52 22.77
CA LEU B 36 61.99 -35.76 21.58
C LEU B 36 60.75 -34.88 21.79
N THR B 37 60.83 -33.64 21.32
CA THR B 37 59.71 -32.70 21.38
C THR B 37 59.78 -31.91 20.08
N VAL B 38 58.74 -31.16 19.76
CA VAL B 38 58.73 -30.36 18.54
C VAL B 38 59.63 -29.13 18.73
N ALA B 39 60.68 -29.05 17.91
CA ALA B 39 61.64 -27.96 17.99
C ALA B 39 62.05 -27.55 16.59
N LYS B 40 62.24 -26.25 16.40
CA LYS B 40 62.65 -25.70 15.12
C LYS B 40 63.62 -24.55 15.32
N THR B 41 64.51 -24.35 14.36
CA THR B 41 65.42 -23.21 14.42
C THR B 41 64.59 -22.04 13.95
N ARG B 42 64.95 -20.82 14.35
CA ARG B 42 64.16 -19.67 13.94
C ARG B 42 64.15 -19.50 12.42
N GLY B 43 65.20 -19.99 11.77
CA GLY B 43 65.30 -19.91 10.31
C GLY B 43 64.23 -20.75 9.61
N GLN B 44 63.65 -21.71 10.33
CA GLN B 44 62.61 -22.56 9.76
C GLN B 44 61.23 -21.92 9.86
N LEU B 45 61.14 -20.80 10.56
CA LEU B 45 59.86 -20.13 10.79
C LEU B 45 59.45 -19.24 9.62
N THR B 46 59.41 -19.84 8.44
CA THR B 46 59.03 -19.14 7.22
C THR B 46 57.51 -19.10 7.11
N ASP B 47 56.99 -18.22 6.26
CA ASP B 47 55.55 -18.11 6.08
C ASP B 47 54.95 -19.46 5.67
N ALA B 48 53.86 -19.85 6.34
CA ALA B 48 53.16 -21.10 6.06
C ALA B 48 53.83 -22.38 6.56
N ALA B 49 54.97 -22.24 7.24
CA ALA B 49 55.64 -23.42 7.79
C ALA B 49 54.70 -24.13 8.77
N PRO B 50 54.56 -25.43 8.63
CA PRO B 50 53.67 -26.17 9.52
C PRO B 50 54.28 -26.32 10.92
N ILE B 51 53.43 -26.15 11.93
CA ILE B 51 53.87 -26.30 13.31
C ILE B 51 53.44 -27.66 13.85
N GLY B 52 52.19 -28.03 13.59
CA GLY B 52 51.69 -29.32 14.04
C GLY B 52 50.17 -29.40 13.91
N PRO B 53 49.66 -30.62 13.80
CA PRO B 53 48.22 -30.80 13.66
C PRO B 53 47.54 -30.91 15.02
N VAL B 54 46.25 -30.63 15.02
CA VAL B 54 45.42 -30.71 16.22
C VAL B 54 44.19 -31.53 15.84
N THR B 55 44.02 -32.70 16.45
CA THR B 55 42.86 -33.52 16.14
C THR B 55 41.63 -32.97 16.83
N VAL B 56 40.49 -33.11 16.15
CA VAL B 56 39.21 -32.68 16.72
C VAL B 56 38.19 -33.78 16.48
N GLN B 57 37.50 -34.19 17.53
CA GLN B 57 36.45 -35.21 17.41
C GLN B 57 35.24 -34.79 18.24
N ALA B 58 34.17 -34.39 17.55
CA ALA B 58 32.96 -33.96 18.21
C ALA B 58 31.94 -35.09 18.28
N LEU B 59 31.14 -35.07 19.34
CA LEU B 59 30.09 -36.06 19.55
C LEU B 59 28.89 -35.33 20.14
N GLY B 60 27.69 -35.67 19.66
CA GLY B 60 26.46 -35.10 20.18
C GLY B 60 26.19 -33.66 19.76
N CYS B 61 26.82 -33.24 18.67
CA CYS B 61 26.69 -31.87 18.18
C CYS B 61 25.90 -31.74 16.87
N ASP B 62 24.97 -32.65 16.64
CA ASP B 62 24.18 -32.61 15.42
C ASP B 62 23.50 -31.25 15.20
N ALA B 63 23.14 -30.57 16.28
CA ALA B 63 22.45 -29.29 16.16
C ALA B 63 23.26 -28.08 16.61
N ARG B 64 24.58 -28.24 16.68
CA ARG B 64 25.43 -27.15 17.11
C ARG B 64 26.63 -26.97 16.20
N GLN B 65 27.24 -25.79 16.29
CA GLN B 65 28.43 -25.46 15.52
C GLN B 65 29.65 -25.73 16.41
N VAL B 66 30.47 -26.70 16.00
CA VAL B 66 31.68 -27.06 16.74
C VAL B 66 32.60 -25.85 16.79
N ALA B 67 33.34 -25.70 17.88
CA ALA B 67 34.21 -24.54 18.05
C ALA B 67 35.41 -24.85 18.93
N LEU B 68 36.46 -24.06 18.75
CA LEU B 68 37.68 -24.13 19.53
C LEU B 68 37.98 -22.72 20.01
N LYS B 69 38.27 -22.58 21.30
CA LYS B 69 38.60 -21.27 21.85
C LYS B 69 40.04 -21.27 22.35
N ALA B 70 40.79 -20.26 21.92
CA ALA B 70 42.18 -20.13 22.33
C ALA B 70 42.25 -19.50 23.71
N ASP B 71 43.27 -19.85 24.48
CA ASP B 71 43.47 -19.25 25.80
C ASP B 71 43.58 -17.73 25.57
N THR B 72 43.19 -16.94 26.58
CA THR B 72 43.27 -15.48 26.51
C THR B 72 44.62 -14.95 26.04
N ASP B 73 45.69 -15.58 26.50
CA ASP B 73 47.05 -15.17 26.17
C ASP B 73 47.50 -15.55 24.76
N ASN B 74 46.63 -16.23 24.02
CA ASN B 74 46.96 -16.69 22.65
C ASN B 74 46.24 -15.94 21.53
N PHE B 75 45.54 -14.87 21.86
CA PHE B 75 44.86 -14.12 20.82
C PHE B 75 44.69 -12.63 21.16
N GLU B 76 44.50 -11.84 20.12
CA GLU B 76 44.32 -10.41 20.27
C GLU B 76 44.06 -9.82 18.89
N GLN B 77 43.04 -8.97 18.79
CA GLN B 77 42.76 -8.30 17.54
C GLN B 77 42.63 -9.27 16.35
N GLY B 78 41.71 -10.23 16.46
CA GLY B 78 41.45 -11.19 15.39
C GLY B 78 42.63 -12.09 15.00
N LYS B 79 43.75 -11.97 15.69
CA LYS B 79 44.93 -12.78 15.39
C LYS B 79 45.24 -13.81 16.47
N PHE B 80 45.72 -14.98 16.05
CA PHE B 80 46.11 -16.05 16.96
C PHE B 80 47.63 -16.13 16.97
N PHE B 81 48.21 -16.52 18.11
CA PHE B 81 49.66 -16.70 18.19
C PHE B 81 50.04 -17.65 19.32
N LEU B 82 51.15 -18.37 19.14
CA LEU B 82 51.70 -19.15 20.23
C LEU B 82 52.38 -18.09 21.10
N ILE B 83 52.52 -18.36 22.39
CA ILE B 83 53.13 -17.39 23.30
C ILE B 83 54.28 -18.02 24.09
N SER B 84 55.35 -17.27 24.29
CA SER B 84 56.50 -17.78 25.06
C SER B 84 56.11 -18.02 26.52
N ASP B 85 56.91 -18.84 27.20
CA ASP B 85 56.65 -19.18 28.60
C ASP B 85 56.52 -17.95 29.49
N ASN B 86 57.28 -16.90 29.21
CA ASN B 86 57.23 -15.68 30.02
C ASN B 86 56.11 -14.71 29.58
N ASN B 87 55.28 -15.16 28.64
CA ASN B 87 54.15 -14.36 28.16
C ASN B 87 54.52 -13.16 27.30
N ARG B 88 55.80 -13.01 27.00
CA ARG B 88 56.26 -11.84 26.28
C ARG B 88 56.31 -11.90 24.75
N ASP B 89 56.81 -13.01 24.21
CA ASP B 89 56.99 -13.13 22.77
C ASP B 89 55.92 -13.93 22.03
N LYS B 90 55.49 -13.39 20.89
CA LYS B 90 54.44 -14.01 20.09
C LYS B 90 54.95 -14.64 18.81
N LEU B 91 54.31 -15.73 18.40
CA LEU B 91 54.57 -16.39 17.14
C LEU B 91 53.21 -16.49 16.48
N TYR B 92 52.93 -15.58 15.56
CA TYR B 92 51.64 -15.53 14.89
C TYR B 92 51.41 -16.74 14.01
N VAL B 93 50.21 -17.29 14.04
CA VAL B 93 49.88 -18.46 13.24
C VAL B 93 48.49 -18.37 12.61
N ASN B 94 48.29 -19.21 11.61
CA ASN B 94 47.01 -19.36 10.95
C ASN B 94 46.49 -20.73 11.36
N ILE B 95 45.18 -20.83 11.56
CA ILE B 95 44.55 -22.07 11.98
C ILE B 95 43.61 -22.47 10.83
N ARG B 96 43.83 -23.66 10.28
CA ARG B 96 43.05 -24.10 9.11
C ARG B 96 42.76 -25.59 9.09
N PRO B 97 41.50 -25.96 8.87
CA PRO B 97 41.14 -27.37 8.79
C PRO B 97 41.78 -27.97 7.54
N THR B 98 42.20 -29.22 7.61
CA THR B 98 42.82 -29.86 6.46
C THR B 98 41.83 -30.17 5.34
N ASP B 99 40.54 -30.27 5.69
CA ASP B 99 39.51 -30.54 4.68
C ASP B 99 38.97 -29.25 4.09
N ASN B 100 37.88 -29.32 3.32
CA ASN B 100 37.30 -28.12 2.70
C ASN B 100 36.19 -27.43 3.50
N SER B 101 36.16 -27.65 4.80
CA SER B 101 35.11 -27.04 5.62
C SER B 101 35.34 -25.55 5.89
N ALA B 102 34.25 -24.81 5.98
CA ALA B 102 34.29 -23.36 6.21
C ALA B 102 34.16 -23.03 7.71
N TRP B 103 35.06 -22.19 8.20
CA TRP B 103 35.08 -21.78 9.59
C TRP B 103 35.19 -20.26 9.70
N THR B 104 34.91 -19.74 10.89
CA THR B 104 34.94 -18.30 11.16
C THR B 104 35.74 -18.01 12.42
N THR B 105 36.43 -16.88 12.44
CA THR B 105 37.19 -16.44 13.62
C THR B 105 36.42 -15.30 14.27
N ASP B 106 36.20 -15.40 15.57
CA ASP B 106 35.49 -14.35 16.31
C ASP B 106 36.11 -14.18 17.69
N ASN B 107 36.97 -13.20 17.84
CA ASN B 107 37.54 -12.86 19.13
C ASN B 107 38.09 -14.07 19.91
N GLY B 108 39.06 -14.77 19.34
CA GLY B 108 39.69 -15.89 20.02
C GLY B 108 38.98 -17.22 19.80
N VAL B 109 37.81 -17.17 19.17
CA VAL B 109 37.03 -18.38 18.89
C VAL B 109 37.12 -18.73 17.41
N PHE B 110 37.42 -19.99 17.12
CA PHE B 110 37.46 -20.45 15.73
C PHE B 110 36.32 -21.46 15.64
N TYR B 111 35.23 -21.09 14.95
CA TYR B 111 34.05 -21.95 14.86
C TYR B 111 33.63 -22.36 13.46
N LYS B 112 33.03 -23.53 13.36
CA LYS B 112 32.57 -24.07 12.08
C LYS B 112 31.29 -23.37 11.62
N ASN B 113 31.18 -23.06 10.33
CA ASN B 113 30.01 -22.38 9.78
C ASN B 113 28.74 -23.21 9.74
N ASP B 114 28.89 -24.54 9.83
CA ASP B 114 27.75 -25.45 9.76
C ASP B 114 27.60 -26.19 11.09
N VAL B 115 26.38 -26.63 11.40
CA VAL B 115 26.15 -27.42 12.60
C VAL B 115 26.62 -28.83 12.24
N GLY B 116 26.77 -29.70 13.24
CA GLY B 116 27.19 -31.08 12.97
C GLY B 116 28.35 -31.57 13.84
N SER B 117 28.37 -32.88 14.08
CA SER B 117 29.42 -33.49 14.90
C SER B 117 30.66 -33.74 14.05
N TRP B 118 31.39 -32.67 13.78
CA TRP B 118 32.58 -32.75 12.95
C TRP B 118 33.76 -33.47 13.59
N GLY B 119 34.48 -34.22 12.77
CA GLY B 119 35.70 -34.90 13.17
C GLY B 119 36.70 -34.44 12.10
N GLY B 120 37.89 -34.03 12.51
CA GLY B 120 38.85 -33.56 11.53
C GLY B 120 40.18 -33.12 12.10
N ILE B 121 41.05 -32.60 11.25
CA ILE B 121 42.37 -32.16 11.65
C ILE B 121 42.46 -30.65 11.44
N ILE B 122 42.95 -29.94 12.45
CA ILE B 122 43.16 -28.50 12.33
C ILE B 122 44.67 -28.30 12.25
N GLY B 123 45.14 -27.67 11.18
CA GLY B 123 46.58 -27.43 11.06
C GLY B 123 46.95 -26.05 11.61
N ILE B 124 48.10 -25.99 12.27
CA ILE B 124 48.64 -24.73 12.82
C ILE B 124 49.86 -24.38 11.96
N TYR B 125 49.81 -23.22 11.30
CA TYR B 125 50.89 -22.79 10.41
C TYR B 125 51.42 -21.42 10.79
N VAL B 126 52.71 -21.19 10.53
CA VAL B 126 53.32 -19.90 10.78
C VAL B 126 52.64 -18.87 9.85
N ASP B 127 52.26 -17.73 10.42
CA ASP B 127 51.59 -16.69 9.65
C ASP B 127 52.55 -15.52 9.43
N GLY B 128 53.15 -15.48 8.25
CA GLY B 128 54.12 -14.42 7.92
C GLY B 128 55.51 -14.84 8.38
N GLN B 129 56.53 -14.39 7.66
CA GLN B 129 57.89 -14.73 8.03
C GLN B 129 58.23 -14.19 9.40
N GLN B 130 58.76 -15.08 10.25
CA GLN B 130 59.11 -14.74 11.62
C GLN B 130 60.41 -15.41 12.03
N THR B 131 61.40 -15.35 11.15
CA THR B 131 62.71 -15.96 11.36
C THR B 131 63.56 -15.21 12.40
N ASN B 132 62.98 -14.18 13.01
CA ASN B 132 63.67 -13.42 14.07
C ASN B 132 63.13 -13.76 15.44
N THR B 133 62.21 -14.72 15.49
CA THR B 133 61.59 -15.12 16.75
C THR B 133 62.66 -15.47 17.77
N PRO B 134 62.55 -14.94 18.98
CA PRO B 134 63.53 -15.23 20.03
C PRO B 134 63.44 -16.71 20.44
N PRO B 135 64.58 -17.32 20.69
CA PRO B 135 64.58 -18.71 21.14
C PRO B 135 63.80 -18.81 22.44
N GLY B 136 63.03 -19.88 22.60
CA GLY B 136 62.23 -20.07 23.81
C GLY B 136 61.19 -21.17 23.60
N ASN B 137 60.34 -21.37 24.61
CA ASN B 137 59.29 -22.37 24.53
C ASN B 137 57.97 -21.64 24.30
N TYR B 138 57.28 -22.00 23.23
CA TYR B 138 56.03 -21.36 22.82
C TYR B 138 54.86 -22.34 22.89
N THR B 139 53.68 -21.83 23.25
CA THR B 139 52.51 -22.68 23.42
C THR B 139 51.24 -22.03 22.88
N LEU B 140 50.34 -22.85 22.35
CA LEU B 140 49.02 -22.43 21.90
C LEU B 140 48.04 -23.43 22.53
N THR B 141 47.06 -22.94 23.28
CA THR B 141 46.09 -23.81 23.94
C THR B 141 44.71 -23.59 23.34
N LEU B 142 44.08 -24.69 22.92
CA LEU B 142 42.74 -24.63 22.32
C LEU B 142 41.75 -25.52 23.05
N THR B 143 40.63 -24.96 23.46
CA THR B 143 39.59 -25.71 24.19
C THR B 143 38.36 -25.98 23.31
N GLY B 144 37.87 -27.20 23.36
CA GLY B 144 36.71 -27.59 22.54
C GLY B 144 35.39 -27.13 23.16
N GLY B 145 34.43 -26.82 22.30
CA GLY B 145 33.13 -26.38 22.75
C GLY B 145 32.25 -26.10 21.54
N TYR B 146 31.25 -25.26 21.73
CA TYR B 146 30.36 -24.91 20.62
C TYR B 146 29.95 -23.45 20.63
N TRP B 147 29.56 -22.96 19.47
CA TRP B 147 29.15 -21.57 19.26
C TRP B 147 27.63 -21.47 19.36
N ALA B 148 27.15 -20.58 20.22
CA ALA B 148 25.72 -20.38 20.42
C ALA B 148 25.39 -18.89 20.50
N GLY C 10 64.64 -6.82 6.96
CA GLY C 10 63.44 -6.29 6.33
C GLY C 10 63.79 -5.31 5.21
N SER C 11 64.90 -5.57 4.53
CA SER C 11 65.34 -4.69 3.46
C SER C 11 65.59 -5.42 2.15
N PHE C 12 65.56 -4.67 1.06
CA PHE C 12 65.83 -5.22 -0.27
C PHE C 12 67.19 -4.73 -0.72
N THR C 13 68.01 -5.64 -1.22
CA THR C 13 69.33 -5.30 -1.74
C THR C 13 69.30 -5.49 -3.26
N PRO C 14 69.45 -4.39 -4.00
CA PRO C 14 69.46 -4.49 -5.45
C PRO C 14 70.70 -5.27 -5.88
N SER C 15 70.47 -6.30 -6.69
CA SER C 15 71.55 -7.14 -7.19
C SER C 15 71.03 -8.01 -8.33
N GLY C 16 71.04 -7.46 -9.53
CA GLY C 16 70.53 -8.19 -10.69
C GLY C 16 70.13 -7.22 -11.78
N THR C 17 69.43 -7.72 -12.79
CA THR C 17 69.01 -6.89 -13.90
C THR C 17 67.56 -6.45 -13.78
N THR C 18 67.12 -5.65 -14.74
CA THR C 18 65.79 -5.09 -14.72
C THR C 18 64.93 -5.57 -15.87
N GLY C 19 63.71 -5.99 -15.54
CA GLY C 19 62.75 -6.45 -16.51
C GLY C 19 61.65 -5.41 -16.62
N THR C 20 61.29 -5.05 -17.86
CA THR C 20 60.27 -4.04 -18.07
C THR C 20 59.06 -4.63 -18.79
N THR C 21 57.90 -4.53 -18.16
CA THR C 21 56.65 -5.02 -18.74
C THR C 21 55.93 -3.81 -19.35
N LYS C 22 55.69 -3.87 -20.65
CA LYS C 22 55.04 -2.76 -21.35
C LYS C 22 53.72 -3.15 -21.98
N LEU C 23 52.78 -2.23 -21.96
CA LEU C 23 51.47 -2.49 -22.52
C LEU C 23 50.87 -1.20 -23.05
N THR C 24 50.43 -1.24 -24.31
CA THR C 24 49.77 -0.08 -24.88
C THR C 24 48.27 -0.36 -24.85
N VAL C 25 47.51 0.51 -24.20
CA VAL C 25 46.06 0.36 -24.12
C VAL C 25 45.42 1.23 -25.19
N THR C 26 44.45 0.67 -25.92
CA THR C 26 43.78 1.38 -26.99
C THR C 26 42.26 1.26 -26.88
N GLU C 27 41.55 1.81 -27.86
CA GLU C 27 40.10 1.65 -27.95
C GLU C 27 39.84 0.55 -28.97
N LYS C 28 38.57 0.33 -29.30
CA LYS C 28 38.19 -0.70 -30.25
C LYS C 28 38.87 -0.48 -31.60
N CYS C 29 38.86 0.76 -32.07
CA CYS C 29 39.57 1.09 -33.30
C CYS C 29 41.00 1.32 -32.86
N GLN C 30 41.84 0.34 -33.18
CA GLN C 30 43.24 0.28 -32.76
C GLN C 30 44.17 0.36 -33.96
N VAL C 31 45.10 1.30 -33.92
CA VAL C 31 46.01 1.53 -35.04
C VAL C 31 47.46 1.26 -34.67
N ARG C 32 47.94 0.09 -35.08
CA ARG C 32 49.30 -0.34 -34.76
C ARG C 32 50.29 0.22 -35.76
N VAL C 33 51.23 1.01 -35.25
CA VAL C 33 52.24 1.66 -36.07
C VAL C 33 53.63 1.11 -35.76
N GLY C 34 54.35 0.69 -36.78
CA GLY C 34 55.68 0.14 -36.61
C GLY C 34 55.68 -1.31 -36.13
N ASP C 35 56.79 -1.74 -35.54
CA ASP C 35 56.93 -3.11 -35.09
C ASP C 35 55.91 -3.55 -34.06
N LEU C 36 55.64 -4.84 -34.03
CA LEU C 36 54.70 -5.41 -33.08
C LEU C 36 55.15 -5.17 -31.64
N THR C 37 54.17 -4.82 -30.81
CA THR C 37 54.39 -4.60 -29.38
C THR C 37 53.15 -5.14 -28.68
N VAL C 38 53.21 -5.26 -27.36
CA VAL C 38 52.05 -5.74 -26.61
C VAL C 38 51.00 -4.63 -26.53
N ALA C 39 49.85 -4.86 -27.13
CA ALA C 39 48.77 -3.88 -27.11
C ALA C 39 47.42 -4.56 -26.88
N LYS C 40 46.56 -3.90 -26.13
CA LYS C 40 45.24 -4.43 -25.84
C LYS C 40 44.21 -3.31 -25.84
N THR C 41 42.97 -3.65 -26.16
CA THR C 41 41.91 -2.65 -26.13
C THR C 41 41.53 -2.60 -24.65
N ARG C 42 40.99 -1.47 -24.20
CA ARG C 42 40.62 -1.38 -22.80
C ARG C 42 39.56 -2.42 -22.42
N GLY C 43 38.79 -2.87 -23.40
CA GLY C 43 37.76 -3.87 -23.16
C GLY C 43 38.37 -5.22 -22.77
N GLN C 44 39.65 -5.41 -23.09
CA GLN C 44 40.33 -6.67 -22.77
C GLN C 44 40.90 -6.68 -21.36
N LEU C 45 40.85 -5.53 -20.69
CA LEU C 45 41.40 -5.42 -19.34
C LEU C 45 40.44 -5.94 -18.28
N THR C 46 40.04 -7.19 -18.43
CA THR C 46 39.13 -7.83 -17.51
C THR C 46 39.90 -8.38 -16.31
N ASP C 47 39.19 -8.68 -15.24
CA ASP C 47 39.85 -9.23 -14.06
C ASP C 47 40.62 -10.52 -14.39
N ALA C 48 41.87 -10.58 -13.96
CA ALA C 48 42.71 -11.76 -14.18
C ALA C 48 43.27 -11.93 -15.58
N ALA C 49 43.01 -10.97 -16.48
CA ALA C 49 43.54 -11.04 -17.85
C ALA C 49 45.06 -10.99 -17.77
N PRO C 50 45.74 -11.85 -18.54
CA PRO C 50 47.19 -11.86 -18.53
C PRO C 50 47.78 -10.70 -19.33
N ILE C 51 48.85 -10.11 -18.79
CA ILE C 51 49.54 -9.02 -19.46
C ILE C 51 50.81 -9.55 -20.11
N GLY C 52 51.54 -10.39 -19.39
CA GLY C 52 52.78 -10.95 -19.92
C GLY C 52 53.62 -11.59 -18.84
N PRO C 53 54.52 -12.47 -19.24
CA PRO C 53 55.39 -13.16 -18.29
C PRO C 53 56.69 -12.39 -18.10
N VAL C 54 57.34 -12.63 -16.97
CA VAL C 54 58.64 -12.04 -16.65
C VAL C 54 59.53 -13.19 -16.21
N THR C 55 60.61 -13.44 -16.96
CA THR C 55 61.51 -14.50 -16.59
C THR C 55 62.41 -14.07 -15.43
N VAL C 56 62.78 -15.03 -14.59
CA VAL C 56 63.65 -14.78 -13.47
C VAL C 56 64.67 -15.91 -13.39
N GLN C 57 65.94 -15.55 -13.34
CA GLN C 57 67.00 -16.55 -13.21
C GLN C 57 68.00 -16.06 -12.19
N ALA C 58 68.01 -16.71 -11.02
CA ALA C 58 68.93 -16.34 -9.96
C ALA C 58 70.14 -17.27 -9.93
N LEU C 59 71.29 -16.70 -9.60
CA LEU C 59 72.53 -17.46 -9.49
C LEU C 59 73.25 -16.99 -8.25
N GLY C 60 73.89 -17.94 -7.54
CA GLY C 60 74.66 -17.63 -6.34
C GLY C 60 73.83 -17.18 -5.14
N CYS C 61 72.57 -17.60 -5.10
CA CYS C 61 71.66 -17.21 -4.03
C CYS C 61 71.24 -18.39 -3.13
N ASP C 62 72.13 -19.36 -2.94
CA ASP C 62 71.81 -20.52 -2.12
C ASP C 62 71.38 -20.14 -0.69
N ALA C 63 71.89 -19.02 -0.20
CA ALA C 63 71.57 -18.59 1.16
C ALA C 63 70.85 -17.26 1.28
N ARG C 64 70.20 -16.82 0.21
CA ARG C 64 69.45 -15.56 0.23
C ARG C 64 68.07 -15.79 -0.35
N GLN C 65 67.13 -14.89 -0.04
CA GLN C 65 65.77 -14.98 -0.56
C GLN C 65 65.65 -14.09 -1.80
N VAL C 66 65.47 -14.72 -2.95
CA VAL C 66 65.33 -14.01 -4.23
C VAL C 66 64.20 -12.99 -4.15
N ALA C 67 64.39 -11.84 -4.79
CA ALA C 67 63.38 -10.79 -4.72
C ALA C 67 63.36 -9.89 -5.95
N LEU C 68 62.20 -9.26 -6.17
CA LEU C 68 62.01 -8.32 -7.25
C LEU C 68 61.44 -7.05 -6.61
N LYS C 69 62.00 -5.90 -6.95
CA LYS C 69 61.51 -4.62 -6.42
C LYS C 69 60.97 -3.78 -7.55
N ALA C 70 59.76 -3.26 -7.35
CA ALA C 70 59.12 -2.42 -8.37
C ALA C 70 59.62 -0.98 -8.25
N ASP C 71 59.67 -0.28 -9.37
CA ASP C 71 60.07 1.12 -9.38
C ASP C 71 59.12 1.86 -8.46
N THR C 72 59.59 2.96 -7.86
CA THR C 72 58.77 3.73 -6.93
C THR C 72 57.42 4.13 -7.49
N ASP C 73 57.39 4.43 -8.79
CA ASP C 73 56.16 4.86 -9.44
C ASP C 73 55.19 3.72 -9.77
N ASN C 74 55.58 2.49 -9.42
CA ASN C 74 54.76 1.32 -9.73
C ASN C 74 54.12 0.64 -8.51
N PHE C 75 54.19 1.27 -7.34
CA PHE C 75 53.56 0.68 -6.18
C PHE C 75 53.15 1.69 -5.12
N GLU C 76 52.24 1.25 -4.25
CA GLU C 76 51.75 2.06 -3.14
C GLU C 76 50.95 1.14 -2.23
N GLY C 78 50.82 -1.52 -0.64
CA GLY C 78 50.79 -2.97 -0.81
C GLY C 78 50.26 -3.39 -2.19
N LYS C 79 49.97 -2.41 -3.05
CA LYS C 79 49.45 -2.71 -4.39
C LYS C 79 50.46 -2.40 -5.49
N PHE C 80 50.46 -3.20 -6.55
CA PHE C 80 51.35 -2.99 -7.69
C PHE C 80 50.52 -2.50 -8.86
N PHE C 81 51.12 -1.72 -9.75
CA PHE C 81 50.40 -1.24 -10.93
C PHE C 81 51.33 -0.77 -12.03
N LEU C 82 50.91 -0.97 -13.28
CA LEU C 82 51.65 -0.42 -14.40
C LEU C 82 51.26 1.05 -14.35
N ILE C 83 52.13 1.93 -14.83
CA ILE C 83 51.85 3.36 -14.81
C ILE C 83 51.99 3.97 -16.21
N SER C 84 51.08 4.88 -16.54
CA SER C 84 51.13 5.55 -17.84
C SER C 84 52.38 6.40 -18.01
N ASP C 85 52.69 6.75 -19.25
CA ASP C 85 53.89 7.54 -19.53
C ASP C 85 53.93 8.85 -18.76
N ASN C 86 52.76 9.47 -18.57
CA ASN C 86 52.70 10.75 -17.87
C ASN C 86 52.62 10.61 -16.34
N ASN C 87 52.77 9.38 -15.85
CA ASN C 87 52.77 9.11 -14.42
C ASN C 87 51.41 9.27 -13.75
N ARG C 88 50.40 9.57 -14.56
CA ARG C 88 49.06 9.82 -14.03
C ARG C 88 48.12 8.63 -13.85
N ASP C 89 48.05 7.74 -14.84
CA ASP C 89 47.09 6.64 -14.78
C ASP C 89 47.64 5.29 -14.37
N LYS C 90 46.89 4.58 -13.54
CA LYS C 90 47.31 3.27 -13.02
C LYS C 90 46.51 2.10 -13.56
N LEU C 91 47.21 0.99 -13.77
CA LEU C 91 46.60 -0.27 -14.16
C LEU C 91 47.05 -1.28 -13.10
N TYR C 92 46.18 -1.54 -12.12
CA TYR C 92 46.51 -2.44 -11.01
C TYR C 92 46.69 -3.87 -11.48
N VAL C 93 47.72 -4.53 -10.95
CA VAL C 93 48.00 -5.91 -11.34
C VAL C 93 48.35 -6.79 -10.14
N ASN C 94 48.27 -8.08 -10.37
CA ASN C 94 48.69 -9.07 -9.39
C ASN C 94 49.93 -9.72 -10.00
N ILE C 95 50.89 -10.04 -9.15
CA ILE C 95 52.15 -10.66 -9.58
C ILE C 95 52.14 -12.06 -8.96
N ARG C 96 52.32 -13.08 -9.78
CA ARG C 96 52.26 -14.45 -9.29
C ARG C 96 53.15 -15.41 -10.08
N PRO C 97 53.97 -16.18 -9.36
CA PRO C 97 54.83 -17.16 -10.03
C PRO C 97 53.94 -18.23 -10.69
N THR C 98 54.42 -18.82 -11.78
CA THR C 98 53.65 -19.84 -12.47
C THR C 98 53.70 -21.19 -11.74
N ASP C 99 54.74 -21.38 -10.93
CA ASP C 99 54.87 -22.63 -10.19
C ASP C 99 54.18 -22.53 -8.82
N ASN C 100 54.44 -23.48 -7.93
CA ASN C 100 53.79 -23.47 -6.61
C ASN C 100 54.64 -22.87 -5.50
N SER C 101 55.63 -22.05 -5.86
CA SER C 101 56.48 -21.41 -4.85
C SER C 101 55.74 -20.30 -4.12
N ALA C 102 56.08 -20.12 -2.85
CA ALA C 102 55.42 -19.13 -2.00
C ALA C 102 56.22 -17.82 -1.96
N TRP C 103 55.53 -16.70 -2.19
CA TRP C 103 56.14 -15.38 -2.18
C TRP C 103 55.34 -14.42 -1.31
N THR C 104 55.99 -13.33 -0.90
CA THR C 104 55.37 -12.31 -0.06
C THR C 104 55.59 -10.93 -0.66
N THR C 105 54.65 -10.02 -0.40
CA THR C 105 54.74 -8.64 -0.86
C THR C 105 55.04 -7.79 0.36
N ASP C 106 56.06 -6.94 0.26
CA ASP C 106 56.42 -6.02 1.33
C ASP C 106 56.80 -4.66 0.74
N ASN C 107 55.87 -3.72 0.73
CA ASN C 107 56.11 -2.34 0.25
C ASN C 107 56.94 -2.23 -1.04
N GLY C 108 56.37 -2.74 -2.11
CA GLY C 108 56.98 -2.66 -3.43
C GLY C 108 57.90 -3.81 -3.74
N VAL C 109 58.17 -4.63 -2.73
CA VAL C 109 59.06 -5.78 -2.90
C VAL C 109 58.26 -7.08 -2.95
N PHE C 110 58.56 -7.91 -3.94
CA PHE C 110 57.94 -9.22 -4.05
C PHE C 110 59.07 -10.22 -3.82
N TYR C 111 59.06 -10.89 -2.67
CA TYR C 111 60.13 -11.80 -2.32
C TYR C 111 59.71 -13.25 -2.04
N LYS C 112 60.63 -14.17 -2.32
CA LYS C 112 60.38 -15.60 -2.13
C LYS C 112 60.53 -15.96 -0.65
N ASN C 113 59.64 -16.82 -0.15
CA ASN C 113 59.62 -17.19 1.26
C ASN C 113 60.76 -17.99 1.82
N ASP C 114 61.56 -18.57 0.93
CA ASP C 114 62.71 -19.34 1.38
C ASP C 114 63.92 -19.06 0.52
N VAL C 115 65.09 -19.36 1.04
CA VAL C 115 66.35 -19.12 0.34
C VAL C 115 66.50 -20.07 -0.84
N GLY C 116 67.45 -19.77 -1.73
CA GLY C 116 67.69 -20.61 -2.89
C GLY C 116 67.78 -19.84 -4.21
N SER C 117 68.60 -20.36 -5.12
CA SER C 117 68.76 -19.73 -6.43
C SER C 117 67.62 -20.15 -7.34
N TRP C 118 66.47 -19.53 -7.15
CA TRP C 118 65.26 -19.83 -7.93
C TRP C 118 65.32 -19.35 -9.38
N GLY C 119 64.71 -20.14 -10.26
CA GLY C 119 64.56 -19.79 -11.65
C GLY C 119 63.09 -20.04 -11.94
N GLY C 120 62.43 -19.12 -12.62
CA GLY C 120 61.02 -19.31 -12.92
C GLY C 120 60.41 -18.18 -13.71
N ILE C 121 59.08 -18.25 -13.85
CA ILE C 121 58.32 -17.26 -14.59
C ILE C 121 57.36 -16.57 -13.64
N ILE C 122 57.35 -15.24 -13.70
CA ILE C 122 56.42 -14.47 -12.88
C ILE C 122 55.36 -13.92 -13.83
N GLY C 123 54.11 -14.25 -13.58
CA GLY C 123 53.02 -13.77 -14.42
C GLY C 123 52.46 -12.45 -13.88
N ILE C 124 52.13 -11.54 -14.80
CA ILE C 124 51.55 -10.24 -14.48
C ILE C 124 50.10 -10.26 -14.98
N TYR C 125 49.14 -10.10 -14.07
CA TYR C 125 47.72 -10.17 -14.43
C TYR C 125 46.94 -8.92 -14.00
N VAL C 126 45.91 -8.59 -14.76
CA VAL C 126 45.05 -7.46 -14.40
C VAL C 126 44.36 -7.76 -13.07
N ASP C 127 44.42 -6.81 -12.14
CA ASP C 127 43.80 -7.00 -10.83
C ASP C 127 42.51 -6.20 -10.73
N GLY C 128 41.39 -6.87 -10.99
CA GLY C 128 40.10 -6.21 -10.91
C GLY C 128 39.77 -5.61 -12.27
N GLN C 129 38.48 -5.45 -12.54
CA GLN C 129 38.02 -4.91 -13.81
C GLN C 129 38.48 -3.47 -14.04
N GLN C 130 39.19 -3.24 -15.13
CA GLN C 130 39.68 -1.91 -15.44
C GLN C 130 39.49 -1.57 -16.92
N THR C 131 38.31 -1.92 -17.45
CA THR C 131 37.98 -1.69 -18.85
C THR C 131 37.82 -0.20 -19.19
N ASN C 132 37.95 0.65 -18.18
CA ASN C 132 37.83 2.09 -18.36
C ASN C 132 39.19 2.77 -18.39
N THR C 133 40.23 1.94 -18.41
CA THR C 133 41.59 2.46 -18.43
C THR C 133 41.76 3.39 -19.64
N PRO C 134 42.32 4.58 -19.41
CA PRO C 134 42.52 5.53 -20.50
C PRO C 134 43.58 4.98 -21.46
N PRO C 135 43.39 5.19 -22.76
CA PRO C 135 44.36 4.72 -23.72
C PRO C 135 45.70 5.40 -23.49
N GLY C 136 46.79 4.65 -23.68
CA GLY C 136 48.14 5.20 -23.46
C GLY C 136 49.14 4.07 -23.30
N ASN C 137 50.38 4.44 -23.00
CA ASN C 137 51.46 3.47 -22.84
C ASN C 137 51.73 3.26 -21.36
N TYR C 138 51.69 2.00 -20.93
CA TYR C 138 51.86 1.67 -19.51
C TYR C 138 53.08 0.79 -19.30
N THR C 139 53.75 1.00 -18.17
CA THR C 139 54.97 0.26 -17.87
C THR C 139 55.04 -0.18 -16.41
N LEU C 140 55.66 -1.33 -16.19
CA LEU C 140 55.94 -1.85 -14.85
C LEU C 140 57.40 -2.29 -14.90
N THR C 141 58.21 -1.74 -14.00
CA THR C 141 59.64 -2.04 -13.96
C THR C 141 59.99 -2.82 -12.69
N LEU C 142 60.62 -3.98 -12.87
CA LEU C 142 61.00 -4.82 -11.74
C LEU C 142 62.50 -5.09 -11.75
N THR C 143 63.15 -4.84 -10.62
CA THR C 143 64.59 -5.05 -10.50
C THR C 143 64.89 -6.24 -9.60
N GLY C 144 65.84 -7.06 -10.01
CA GLY C 144 66.22 -8.25 -9.24
C GLY C 144 67.16 -7.93 -8.09
N GLY C 145 67.07 -8.73 -7.03
CA GLY C 145 67.92 -8.56 -5.87
C GLY C 145 67.52 -9.61 -4.83
N TYR C 146 67.81 -9.34 -3.56
CA TYR C 146 67.43 -10.25 -2.50
C TYR C 146 66.85 -9.53 -1.29
N TRP C 147 66.02 -10.25 -0.52
CA TRP C 147 65.33 -9.68 0.64
C TRP C 147 65.75 -10.35 1.94
N ALA C 148 65.76 -9.59 3.04
CA ALA C 148 66.16 -10.13 4.33
C ALA C 148 65.23 -9.68 5.45
N GLY D 10 -23.57 16.12 -17.46
CA GLY D 10 -23.38 14.79 -17.97
C GLY D 10 -22.15 14.11 -17.40
N SER D 11 -21.18 14.91 -16.95
CA SER D 11 -19.95 14.34 -16.39
C SER D 11 -19.19 15.26 -15.46
N PHE D 12 -18.44 14.65 -14.55
CA PHE D 12 -17.66 15.38 -13.55
C PHE D 12 -16.21 15.59 -13.97
N THR D 13 -15.73 16.82 -13.80
CA THR D 13 -14.35 17.17 -14.11
C THR D 13 -13.66 17.52 -12.80
N PRO D 14 -12.70 16.68 -12.38
CA PRO D 14 -11.96 16.96 -11.15
C PRO D 14 -11.20 18.28 -11.30
N SER D 15 -11.44 19.20 -10.38
CA SER D 15 -10.79 20.50 -10.40
C SER D 15 -10.93 21.19 -9.05
N GLY D 16 -10.07 20.83 -8.12
CA GLY D 16 -10.14 21.39 -6.78
C GLY D 16 -9.45 20.48 -5.79
N THR D 17 -9.66 20.76 -4.50
CA THR D 17 -9.04 19.99 -3.45
C THR D 17 -9.99 18.94 -2.87
N THR D 18 -9.48 18.16 -1.93
CA THR D 18 -10.24 17.07 -1.34
C THR D 18 -10.49 17.28 0.14
N GLY D 19 -11.73 17.08 0.56
CA GLY D 19 -12.13 17.20 1.95
C GLY D 19 -12.41 15.78 2.46
N THR D 20 -11.92 15.47 3.66
CA THR D 20 -12.11 14.14 4.22
C THR D 20 -12.88 14.22 5.53
N THR D 21 -14.02 13.55 5.59
CA THR D 21 -14.84 13.53 6.80
C THR D 21 -14.54 12.23 7.51
N LYS D 22 -14.01 12.33 8.72
CA LYS D 22 -13.65 11.15 9.50
C LYS D 22 -14.47 11.05 10.78
N LEU D 23 -14.81 9.81 11.14
CA LEU D 23 -15.58 9.57 12.35
C LEU D 23 -15.20 8.23 12.95
N THR D 24 -14.84 8.25 14.22
CA THR D 24 -14.55 7.01 14.93
C THR D 24 -15.80 6.65 15.71
N VAL D 25 -16.34 5.46 15.45
CA VAL D 25 -17.53 4.97 16.13
C VAL D 25 -17.05 4.04 17.25
N THR D 26 -17.61 4.22 18.44
CA THR D 26 -17.22 3.41 19.59
C THR D 26 -18.45 2.84 20.28
N GLU D 27 -18.20 2.01 21.30
CA GLU D 27 -19.26 1.49 22.14
C GLU D 27 -19.43 2.57 23.21
N LYS D 28 -20.29 2.31 24.20
CA LYS D 28 -20.53 3.23 25.30
C LYS D 28 -19.24 3.52 26.07
N CYS D 29 -18.48 2.46 26.38
CA CYS D 29 -17.18 2.64 27.05
C CYS D 29 -16.24 3.03 25.92
N GLN D 30 -15.85 4.30 25.92
CA GLN D 30 -15.08 4.93 24.87
C GLN D 30 -13.72 5.41 25.38
N VAL D 31 -12.65 4.97 24.72
CA VAL D 31 -11.30 5.31 25.15
C VAL D 31 -10.56 6.16 24.13
N ARG D 32 -10.52 7.46 24.39
CA ARG D 32 -9.87 8.40 23.49
C ARG D 32 -8.36 8.46 23.71
N VAL D 33 -7.61 8.05 22.70
CA VAL D 33 -6.15 8.01 22.79
C VAL D 33 -5.52 9.08 21.89
N GLY D 34 -4.68 9.91 22.49
CA GLY D 34 -4.02 10.98 21.75
C GLY D 34 -4.92 12.18 21.49
N ASP D 35 -4.54 12.97 20.50
CA ASP D 35 -5.27 14.19 20.16
C ASP D 35 -6.74 13.99 19.85
N LEU D 36 -7.53 15.02 20.16
CA LEU D 36 -8.96 15.00 19.93
C LEU D 36 -9.29 14.79 18.47
N THR D 37 -10.27 13.93 18.21
CA THR D 37 -10.74 13.65 16.86
C THR D 37 -12.24 13.50 17.00
N VAL D 38 -12.96 13.47 15.88
CA VAL D 38 -14.41 13.29 15.94
C VAL D 38 -14.71 11.84 16.24
N ALA D 39 -15.36 11.60 17.38
CA ALA D 39 -15.73 10.25 17.79
C ALA D 39 -17.13 10.29 18.39
N LYS D 40 -17.90 9.23 18.15
CA LYS D 40 -19.26 9.12 18.67
C LYS D 40 -19.53 7.68 19.08
N THR D 41 -20.36 7.48 20.09
CA THR D 41 -20.76 6.13 20.47
C THR D 41 -21.79 5.74 19.42
N ARG D 42 -21.95 4.45 19.17
CA ARG D 42 -22.94 4.02 18.17
C ARG D 42 -24.34 4.48 18.56
N GLY D 43 -24.57 4.66 19.85
CA GLY D 43 -25.88 5.10 20.35
C GLY D 43 -26.21 6.52 19.88
N GLN D 44 -25.19 7.27 19.49
CA GLN D 44 -25.41 8.64 19.03
C GLN D 44 -25.78 8.74 17.55
N LEU D 45 -25.73 7.60 16.86
CA LEU D 45 -25.99 7.56 15.43
C LEU D 45 -27.49 7.45 15.13
N THR D 46 -28.25 8.41 15.62
CA THR D 46 -29.68 8.45 15.40
C THR D 46 -29.96 9.13 14.06
N ASP D 47 -31.18 9.00 13.55
CA ASP D 47 -31.51 9.60 12.27
C ASP D 47 -31.29 11.10 12.29
N ALA D 48 -30.64 11.62 11.24
CA ALA D 48 -30.35 13.04 11.11
C ALA D 48 -29.25 13.60 12.02
N ALA D 49 -28.60 12.73 12.79
CA ALA D 49 -27.52 13.18 13.67
C ALA D 49 -26.42 13.79 12.81
N PRO D 50 -25.90 14.95 13.20
CA PRO D 50 -24.84 15.59 12.44
C PRO D 50 -23.50 14.92 12.64
N ILE D 51 -22.77 14.74 11.55
CA ILE D 51 -21.45 14.14 11.62
C ILE D 51 -20.39 15.24 11.58
N GLY D 52 -20.56 16.19 10.67
CA GLY D 52 -19.62 17.30 10.56
C GLY D 52 -19.87 18.11 9.29
N PRO D 53 -19.41 19.35 9.30
CA PRO D 53 -19.59 20.22 8.13
C PRO D 53 -18.40 20.06 7.20
N VAL D 54 -18.63 20.39 5.93
CA VAL D 54 -17.59 20.36 4.91
C VAL D 54 -17.66 21.71 4.21
N THR D 55 -16.61 22.51 4.34
CA THR D 55 -16.59 23.82 3.69
C THR D 55 -16.32 23.66 2.21
N VAL D 56 -16.92 24.53 1.41
CA VAL D 56 -16.72 24.55 -0.02
C VAL D 56 -16.51 26.00 -0.43
N GLN D 57 -15.46 26.27 -1.19
CA GLN D 57 -15.19 27.62 -1.68
C GLN D 57 -14.75 27.52 -3.12
N ALA D 58 -15.62 27.92 -4.05
CA ALA D 58 -15.29 27.87 -5.47
C ALA D 58 -14.80 29.21 -5.98
N LEU D 59 -13.88 29.17 -6.95
CA LEU D 59 -13.34 30.37 -7.61
C LEU D 59 -13.27 30.10 -9.10
N GLY D 60 -13.58 31.13 -9.91
CA GLY D 60 -13.52 31.03 -11.36
C GLY D 60 -14.58 30.13 -11.99
N CYS D 61 -15.69 29.92 -11.28
CA CYS D 61 -16.76 29.05 -11.76
C CYS D 61 -18.03 29.80 -12.14
N ASP D 62 -17.88 31.01 -12.69
CA ASP D 62 -19.05 31.79 -13.09
C ASP D 62 -19.92 31.09 -14.12
N ALA D 63 -19.33 30.25 -14.96
CA ALA D 63 -20.09 29.56 -15.99
C ALA D 63 -20.09 28.04 -15.85
N ARG D 64 -19.80 27.55 -14.64
CA ARG D 64 -19.78 26.10 -14.39
C ARG D 64 -20.58 25.74 -13.15
N GLN D 65 -21.03 24.49 -13.09
CA GLN D 65 -21.80 24.01 -11.95
C GLN D 65 -20.86 23.35 -10.96
N VAL D 66 -20.72 23.96 -9.79
CA VAL D 66 -19.86 23.44 -8.73
C VAL D 66 -20.30 22.02 -8.37
N ALA D 67 -19.34 21.16 -8.08
CA ALA D 67 -19.65 19.76 -7.78
C ALA D 67 -18.67 19.10 -6.84
N LEU D 68 -19.14 18.06 -6.17
CA LEU D 68 -18.31 17.27 -5.27
C LEU D 68 -18.48 15.82 -5.68
N LYS D 69 -17.37 15.09 -5.83
CA LYS D 69 -17.44 13.68 -6.18
C LYS D 69 -16.91 12.84 -5.03
N ALA D 70 -17.68 11.83 -4.66
CA ALA D 70 -17.29 10.94 -3.57
C ALA D 70 -16.37 9.83 -4.09
N ASP D 71 -15.44 9.39 -3.24
CA ASP D 71 -14.55 8.30 -3.62
C ASP D 71 -15.42 7.10 -4.00
N THR D 72 -14.92 6.25 -4.89
CA THR D 72 -15.68 5.09 -5.35
C THR D 72 -16.23 4.26 -4.21
N ASP D 73 -15.44 4.13 -3.14
CA ASP D 73 -15.84 3.31 -1.99
C ASP D 73 -16.91 3.95 -1.09
N ASN D 74 -17.31 5.17 -1.42
CA ASN D 74 -18.26 5.90 -0.58
C ASN D 74 -19.66 6.04 -1.19
N PHE D 75 -19.91 5.38 -2.31
CA PHE D 75 -21.22 5.47 -2.92
C PHE D 75 -21.61 4.24 -3.72
N GLU D 76 -22.93 4.09 -3.90
CA GLU D 76 -23.54 2.97 -4.62
C GLU D 76 -25.05 3.18 -4.48
N GLN D 77 -25.83 2.72 -5.47
CA GLN D 77 -27.29 2.86 -5.47
C GLN D 77 -27.80 4.31 -5.25
N GLY D 78 -27.07 5.30 -5.75
CA GLY D 78 -27.46 6.70 -5.57
C GLY D 78 -27.43 7.06 -4.07
N LYS D 79 -26.75 6.25 -3.29
CA LYS D 79 -26.63 6.49 -1.84
C LYS D 79 -25.19 6.76 -1.45
N PHE D 80 -24.99 7.65 -0.48
CA PHE D 80 -23.65 7.99 0.01
C PHE D 80 -23.47 7.35 1.38
N PHE D 81 -22.24 7.03 1.72
CA PHE D 81 -21.95 6.46 3.04
C PHE D 81 -20.49 6.60 3.39
N LEU D 82 -20.23 6.73 4.70
CA LEU D 82 -18.87 6.70 5.20
C LEU D 82 -18.55 5.22 5.17
N ILE D 83 -17.28 4.87 4.99
CA ILE D 83 -16.87 3.47 4.92
C ILE D 83 -15.78 3.20 5.96
N SER D 84 -15.84 2.03 6.60
CA SER D 84 -14.85 1.65 7.60
C SER D 84 -13.50 1.41 6.95
N ASP D 85 -12.44 1.46 7.75
CA ASP D 85 -11.07 1.29 7.26
C ASP D 85 -10.88 0.00 6.45
N ASN D 86 -11.58 -1.05 6.84
CA ASN D 86 -11.44 -2.33 6.13
C ASN D 86 -12.38 -2.46 4.93
N ASN D 87 -13.03 -1.34 4.56
CA ASN D 87 -13.92 -1.32 3.41
C ASN D 87 -15.17 -2.16 3.52
N ARG D 88 -15.42 -2.70 4.72
CA ARG D 88 -16.55 -3.58 4.91
C ARG D 88 -17.85 -2.96 5.43
N ASP D 89 -17.74 -2.04 6.38
CA ASP D 89 -18.93 -1.47 7.01
C ASP D 89 -19.32 -0.07 6.55
N LYS D 90 -20.62 0.11 6.32
CA LYS D 90 -21.15 1.38 5.82
C LYS D 90 -21.97 2.16 6.84
N LEU D 91 -21.82 3.48 6.80
CA LEU D 91 -22.60 4.40 7.63
C LEU D 91 -23.27 5.35 6.65
N TYR D 92 -24.53 5.05 6.30
CA TYR D 92 -25.28 5.84 5.33
C TYR D 92 -25.50 7.27 5.79
N VAL D 93 -25.32 8.22 4.88
CA VAL D 93 -25.48 9.63 5.23
C VAL D 93 -26.21 10.40 4.15
N ASN D 94 -26.71 11.55 4.53
CA ASN D 94 -27.34 12.49 3.61
C ASN D 94 -26.38 13.67 3.55
N ILE D 95 -26.21 14.21 2.35
CA ILE D 95 -25.35 15.36 2.13
C ILE D 95 -26.29 16.50 1.75
N ARG D 96 -26.19 17.61 2.47
CA ARG D 96 -27.11 18.74 2.25
C ARG D 96 -26.45 20.08 2.56
N PRO D 97 -26.59 21.04 1.65
CA PRO D 97 -26.02 22.38 1.88
C PRO D 97 -26.83 23.02 2.99
N THR D 98 -26.17 23.83 3.81
CA THR D 98 -26.84 24.50 4.91
C THR D 98 -27.78 25.60 4.44
N ASP D 99 -27.52 26.12 3.25
CA ASP D 99 -28.36 27.18 2.69
C ASP D 99 -29.54 26.61 1.89
N ASN D 100 -30.23 27.47 1.15
CA ASN D 100 -31.40 27.03 0.39
C ASN D 100 -31.11 26.67 -1.07
N SER D 101 -29.84 26.43 -1.39
CA SER D 101 -29.49 26.11 -2.77
C SER D 101 -29.90 24.71 -3.20
N ALA D 102 -30.24 24.58 -4.49
CA ALA D 102 -30.67 23.29 -5.04
C ALA D 102 -29.52 22.51 -5.66
N TRP D 103 -29.42 21.23 -5.27
CA TRP D 103 -28.37 20.34 -5.75
C TRP D 103 -28.95 19.02 -6.26
N THR D 104 -28.16 18.32 -7.07
CA THR D 104 -28.56 17.04 -7.63
C THR D 104 -27.52 15.96 -7.36
N THR D 105 -27.97 14.72 -7.20
CA THR D 105 -27.07 13.59 -7.00
C THR D 105 -27.07 12.75 -8.27
N ASP D 106 -25.88 12.44 -8.78
CA ASP D 106 -25.76 11.61 -9.98
C ASP D 106 -24.58 10.67 -9.88
N ASN D 107 -24.84 9.43 -9.51
CA ASN D 107 -23.81 8.41 -9.46
C ASN D 107 -22.54 8.82 -8.73
N GLY D 108 -22.66 9.18 -7.46
CA GLY D 108 -21.50 9.55 -6.67
C GLY D 108 -21.10 11.01 -6.78
N VAL D 109 -21.77 11.75 -7.66
CA VAL D 109 -21.49 13.18 -7.81
C VAL D 109 -22.65 13.98 -7.20
N PHE D 110 -22.31 15.00 -6.43
CA PHE D 110 -23.31 15.88 -5.83
C PHE D 110 -23.02 17.25 -6.44
N TYR D 111 -23.89 17.69 -7.34
CA TYR D 111 -23.66 18.96 -8.06
C TYR D 111 -24.74 20.02 -7.89
N LYS D 112 -24.31 21.29 -7.96
CA LYS D 112 -25.22 22.42 -7.81
C LYS D 112 -26.03 22.59 -9.10
N ASN D 113 -27.32 22.84 -8.97
CA ASN D 113 -28.22 22.96 -10.12
C ASN D 113 -27.94 24.12 -11.04
N ASP D 114 -27.40 25.19 -10.49
CA ASP D 114 -27.13 26.40 -11.28
C ASP D 114 -25.63 26.67 -11.29
N VAL D 115 -25.17 27.39 -12.31
CA VAL D 115 -23.74 27.74 -12.43
C VAL D 115 -23.42 28.81 -11.41
N GLY D 116 -22.13 29.04 -11.18
CA GLY D 116 -21.70 30.08 -10.24
C GLY D 116 -20.61 29.63 -9.27
N SER D 117 -19.80 30.59 -8.84
CA SER D 117 -18.73 30.34 -7.90
C SER D 117 -19.29 30.32 -6.49
N TRP D 118 -19.96 29.21 -6.15
CA TRP D 118 -20.60 29.05 -4.87
C TRP D 118 -19.60 28.85 -3.71
N GLY D 119 -19.96 29.42 -2.57
CA GLY D 119 -19.19 29.23 -1.34
C GLY D 119 -20.25 28.83 -0.31
N GLY D 120 -19.97 27.81 0.49
CA GLY D 120 -20.96 27.38 1.46
C GLY D 120 -20.52 26.21 2.31
N ILE D 121 -21.45 25.74 3.13
CA ILE D 121 -21.21 24.61 4.01
C ILE D 121 -22.08 23.44 3.57
N ILE D 122 -21.47 22.27 3.44
CA ILE D 122 -22.21 21.06 3.12
C ILE D 122 -22.27 20.24 4.40
N GLY D 123 -23.47 19.97 4.88
CA GLY D 123 -23.63 19.19 6.11
C GLY D 123 -23.71 17.70 5.81
N ILE D 124 -23.09 16.88 6.67
CA ILE D 124 -23.12 15.43 6.54
C ILE D 124 -23.91 14.90 7.73
N TYR D 125 -25.04 14.25 7.46
CA TYR D 125 -25.93 13.76 8.51
C TYR D 125 -26.20 12.26 8.40
N VAL D 126 -26.40 11.61 9.55
CA VAL D 126 -26.73 10.19 9.56
C VAL D 126 -28.08 9.99 8.86
N ASP D 127 -28.13 9.06 7.92
CA ASP D 127 -29.34 8.79 7.16
C ASP D 127 -30.00 7.49 7.64
N GLY D 128 -30.95 7.63 8.55
CA GLY D 128 -31.65 6.49 9.14
C GLY D 128 -30.92 6.05 10.42
N GLN D 129 -31.66 5.60 11.42
CA GLN D 129 -31.04 5.17 12.66
C GLN D 129 -30.09 3.99 12.40
N GLN D 130 -28.84 4.15 12.83
CA GLN D 130 -27.83 3.13 12.62
C GLN D 130 -27.02 2.93 13.89
N THR D 131 -27.75 2.79 14.99
CA THR D 131 -27.15 2.61 16.31
C THR D 131 -26.42 1.27 16.53
N ASN D 132 -26.47 0.34 15.57
CA ASN D 132 -25.71 -0.91 15.70
C ASN D 132 -24.50 -0.92 14.80
N THR D 133 -24.09 0.26 14.34
CA THR D 133 -22.91 0.37 13.51
C THR D 133 -21.74 -0.23 14.29
N PRO D 134 -20.94 -1.07 13.64
CA PRO D 134 -19.79 -1.69 14.31
C PRO D 134 -18.76 -0.61 14.65
N PRO D 135 -18.12 -0.73 15.81
CA PRO D 135 -17.09 0.25 16.18
C PRO D 135 -15.97 0.18 15.15
N GLY D 136 -15.40 1.34 14.81
CA GLY D 136 -14.33 1.38 13.82
C GLY D 136 -14.10 2.81 13.35
N ASN D 137 -13.18 2.98 12.41
CA ASN D 137 -12.85 4.29 11.85
C ASN D 137 -13.53 4.39 10.49
N TYR D 138 -14.37 5.41 10.33
CA TYR D 138 -15.14 5.58 9.10
C TYR D 138 -14.74 6.87 8.40
N THR D 139 -14.70 6.82 7.07
CA THR D 139 -14.29 7.98 6.27
C THR D 139 -15.18 8.23 5.07
N LEU D 140 -15.33 9.50 4.72
CA LEU D 140 -16.04 9.90 3.51
C LEU D 140 -15.15 10.95 2.85
N THR D 141 -14.77 10.69 1.59
CA THR D 141 -13.88 11.57 0.85
C THR D 141 -14.59 12.23 -0.32
N LEU D 142 -14.53 13.56 -0.37
CA LEU D 142 -15.20 14.33 -1.41
C LEU D 142 -14.20 15.22 -2.15
N THR D 143 -14.17 15.12 -3.48
CA THR D 143 -13.26 15.91 -4.31
C THR D 143 -13.99 17.01 -5.06
N GLY D 144 -13.43 18.20 -5.04
CA GLY D 144 -14.03 19.36 -5.70
C GLY D 144 -13.80 19.34 -7.21
N GLY D 145 -14.78 19.84 -7.95
CA GLY D 145 -14.66 19.94 -9.40
C GLY D 145 -15.96 20.56 -9.92
N TYR D 146 -16.26 20.31 -11.19
CA TYR D 146 -17.49 20.85 -11.77
C TYR D 146 -18.20 19.85 -12.66
N TRP D 147 -19.50 20.07 -12.82
CA TRP D 147 -20.36 19.23 -13.65
C TRP D 147 -20.55 19.96 -14.96
N ALA D 148 -20.51 19.22 -16.06
CA ALA D 148 -20.70 19.81 -17.38
C ALA D 148 -21.51 18.90 -18.28
N GLY E 10 -58.49 7.54 -9.60
CA GLY E 10 -58.48 8.94 -9.97
C GLY E 10 -58.36 9.16 -11.48
N SER E 11 -59.02 10.20 -11.96
CA SER E 11 -58.98 10.55 -13.38
C SER E 11 -59.37 12.02 -13.57
N PHE E 12 -58.82 12.64 -14.61
CA PHE E 12 -59.07 14.05 -14.87
C PHE E 12 -60.32 14.30 -15.69
N THR E 13 -61.11 15.29 -15.27
CA THR E 13 -62.32 15.68 -15.99
C THR E 13 -62.08 17.10 -16.50
N PRO E 14 -62.02 17.26 -17.82
CA PRO E 14 -61.83 18.59 -18.39
C PRO E 14 -63.04 19.46 -18.06
N SER E 15 -62.79 20.60 -17.43
CA SER E 15 -63.85 21.51 -17.05
C SER E 15 -63.27 22.87 -16.69
N GLY E 16 -63.03 23.68 -17.72
CA GLY E 16 -62.46 25.00 -17.52
C GLY E 16 -61.81 25.48 -18.80
N THR E 17 -60.97 26.51 -18.68
CA THR E 17 -60.31 27.10 -19.84
C THR E 17 -58.86 26.66 -19.91
N THR E 18 -58.19 27.11 -20.97
CA THR E 18 -56.81 26.72 -21.22
C THR E 18 -55.86 27.91 -21.15
N GLY E 19 -54.75 27.70 -20.44
CA GLY E 19 -53.71 28.72 -20.33
C GLY E 19 -52.51 28.23 -21.12
N THR E 20 -51.88 29.13 -21.88
CA THR E 20 -50.73 28.76 -22.68
C THR E 20 -49.51 29.57 -22.27
N THR E 21 -48.44 28.87 -21.91
CA THR E 21 -47.20 29.51 -21.53
C THR E 21 -46.27 29.42 -22.73
N LYS E 22 -45.82 30.56 -23.23
CA LYS E 22 -44.97 30.60 -24.40
C LYS E 22 -43.61 31.23 -24.10
N LEU E 23 -42.58 30.69 -24.72
CA LEU E 23 -41.24 31.22 -24.54
C LEU E 23 -40.43 31.06 -25.82
N THR E 24 -39.81 32.15 -26.26
CA THR E 24 -38.93 32.07 -27.42
C THR E 24 -37.49 32.03 -26.91
N VAL E 25 -36.77 30.99 -27.28
CA VAL E 25 -35.37 30.84 -26.88
C VAL E 25 -34.50 31.32 -28.04
N THR E 26 -33.48 32.12 -27.73
CA THR E 26 -32.59 32.67 -28.75
C THR E 26 -31.12 32.45 -28.43
N GLU E 27 -30.24 32.82 -29.35
CA GLU E 27 -28.79 32.78 -29.09
C GLU E 27 -28.51 34.13 -28.42
N LYS E 28 -27.25 34.41 -28.09
CA LYS E 28 -26.89 35.68 -27.45
C LYS E 28 -27.32 36.91 -28.27
N CYS E 29 -27.08 36.87 -29.58
CA CYS E 29 -27.51 37.95 -30.46
C CYS E 29 -28.98 37.65 -30.71
N GLN E 30 -29.84 38.50 -30.15
CA GLN E 30 -31.27 38.29 -30.13
C GLN E 30 -32.00 39.39 -30.88
N VAL E 31 -32.83 39.01 -31.85
CA VAL E 31 -33.56 39.97 -32.67
C VAL E 31 -35.07 39.87 -32.46
N ARG E 32 -35.61 40.81 -31.70
CA ARG E 32 -37.04 40.85 -31.41
C ARG E 32 -37.80 41.56 -32.51
N VAL E 33 -38.70 40.83 -33.15
CA VAL E 33 -39.50 41.37 -34.26
C VAL E 33 -40.96 41.49 -33.83
N GLY E 34 -41.55 42.66 -34.04
CA GLY E 34 -42.94 42.88 -33.69
C GLY E 34 -43.16 43.09 -32.20
N ASP E 35 -44.40 42.89 -31.76
CA ASP E 35 -44.77 43.10 -30.38
C ASP E 35 -43.97 42.30 -29.36
N LEU E 36 -43.87 42.86 -28.16
CA LEU E 36 -43.13 42.21 -27.08
C LEU E 36 -43.75 40.85 -26.75
N THR E 37 -42.88 39.86 -26.57
CA THR E 37 -43.29 38.51 -26.18
C THR E 37 -42.21 38.03 -25.21
N VAL E 38 -42.47 36.92 -24.52
CA VAL E 38 -41.49 36.39 -23.58
C VAL E 38 -40.36 35.71 -24.35
N ALA E 39 -39.15 36.22 -24.17
CA ALA E 39 -38.00 35.64 -24.86
C ALA E 39 -36.79 35.65 -23.95
N LYS E 40 -35.99 34.59 -24.04
CA LYS E 40 -34.77 34.48 -23.24
C LYS E 40 -33.65 33.86 -24.07
N THR E 41 -32.42 34.25 -23.79
CA THR E 41 -31.28 33.64 -24.46
C THR E 41 -31.13 32.27 -23.79
N ARG E 42 -30.51 31.32 -24.48
CA ARG E 42 -30.35 30.00 -23.87
C ARG E 42 -29.49 30.04 -22.62
N GLY E 43 -28.63 31.05 -22.53
CA GLY E 43 -27.77 31.22 -21.36
C GLY E 43 -28.58 31.58 -20.11
N GLN E 44 -29.81 32.05 -20.32
CA GLN E 44 -30.70 32.44 -19.21
C GLN E 44 -31.52 31.25 -18.71
N LEU E 45 -31.38 30.12 -19.38
CA LEU E 45 -32.15 28.94 -18.98
C LEU E 45 -31.43 28.19 -17.87
N THR E 46 -31.23 28.87 -16.75
CA THR E 46 -30.56 28.30 -15.60
C THR E 46 -31.59 27.64 -14.68
N ASP E 47 -31.11 26.78 -13.78
CA ASP E 47 -32.01 26.08 -12.88
C ASP E 47 -32.86 27.04 -12.06
N ALA E 48 -34.16 26.77 -12.00
CA ALA E 48 -35.09 27.59 -11.23
C ALA E 48 -35.45 28.94 -11.86
N ALA E 49 -34.96 29.21 -13.06
CA ALA E 49 -35.28 30.48 -13.72
C ALA E 49 -36.78 30.55 -14.01
N PRO E 50 -37.43 31.63 -13.62
CA PRO E 50 -38.86 31.76 -13.84
C PRO E 50 -39.19 31.96 -15.32
N ILE E 51 -40.23 31.29 -15.78
CA ILE E 51 -40.64 31.41 -17.18
C ILE E 51 -41.87 32.29 -17.23
N GLY E 52 -42.78 32.10 -16.29
CA GLY E 52 -43.99 32.91 -16.25
C GLY E 52 -45.05 32.30 -15.35
N PRO E 53 -45.92 33.15 -14.83
CA PRO E 53 -47.00 32.69 -13.95
C PRO E 53 -48.23 32.27 -14.75
N VAL E 54 -49.01 31.39 -14.14
CA VAL E 54 -50.26 30.91 -14.71
C VAL E 54 -51.34 31.13 -13.66
N THR E 55 -52.31 32.00 -13.94
CA THR E 55 -53.38 32.27 -12.99
C THR E 55 -54.40 31.15 -13.03
N VAL E 56 -54.97 30.84 -11.87
CA VAL E 56 -55.99 29.81 -11.76
C VAL E 56 -57.11 30.35 -10.89
N GLN E 57 -58.34 30.25 -11.39
CA GLN E 57 -59.51 30.72 -10.63
C GLN E 57 -60.61 29.70 -10.79
N ALA E 58 -60.86 28.93 -9.73
CA ALA E 58 -61.89 27.91 -9.73
C ALA E 58 -63.19 28.44 -9.12
N LEU E 59 -64.30 27.94 -9.63
CA LEU E 59 -65.63 28.31 -9.14
C LEU E 59 -66.48 27.06 -9.11
N GLY E 60 -67.29 26.91 -8.07
CA GLY E 60 -68.19 25.77 -7.94
C GLY E 60 -67.48 24.45 -7.65
N CYS E 61 -66.29 24.51 -7.09
CA CYS E 61 -65.50 23.31 -6.80
C CYS E 61 -65.35 23.03 -5.31
N ASP E 62 -66.36 23.40 -4.54
CA ASP E 62 -66.32 23.18 -3.10
C ASP E 62 -66.09 21.72 -2.73
N ALA E 63 -66.57 20.80 -3.56
CA ALA E 63 -66.43 19.36 -3.29
C ALA E 63 -65.56 18.60 -4.29
N ARG E 64 -64.70 19.33 -5.00
CA ARG E 64 -63.84 18.70 -5.99
C ARG E 64 -62.41 19.19 -5.84
N GLN E 65 -61.46 18.38 -6.32
CA GLN E 65 -60.05 18.75 -6.29
C GLN E 65 -59.70 19.42 -7.62
N VAL E 66 -59.33 20.69 -7.55
CA VAL E 66 -58.94 21.46 -8.73
C VAL E 66 -57.74 20.79 -9.39
N ALA E 67 -57.69 20.82 -10.72
CA ALA E 67 -56.60 20.19 -11.45
C ALA E 67 -56.28 20.89 -12.77
N LEU E 68 -55.04 20.73 -13.23
CA LEU E 68 -54.60 21.25 -14.51
C LEU E 68 -54.00 20.07 -15.27
N LYS E 69 -54.41 19.89 -16.52
CA LYS E 69 -53.83 18.82 -17.33
C LYS E 69 -53.01 19.39 -18.48
N ALA E 70 -51.78 18.88 -18.64
CA ALA E 70 -50.89 19.34 -19.70
C ALA E 70 -51.21 18.61 -20.99
N ASP E 71 -51.01 19.29 -22.12
CA ASP E 71 -51.25 18.68 -23.42
C ASP E 71 -50.35 17.44 -23.50
N THR E 72 -50.81 16.43 -24.25
CA THR E 72 -50.05 15.18 -24.40
C THR E 72 -48.58 15.41 -24.75
N ASP E 73 -48.31 16.40 -25.58
CA ASP E 73 -46.96 16.70 -26.04
C ASP E 73 -46.09 17.43 -25.00
N ASN E 74 -46.68 17.75 -23.85
CA ASN E 74 -45.97 18.48 -22.80
C ASN E 74 -45.58 17.64 -21.58
N PHE E 75 -45.78 16.33 -21.62
CA PHE E 75 -45.43 15.50 -20.48
C PHE E 75 -45.02 14.08 -20.83
N GLU E 76 -44.18 13.50 -19.98
CA GLU E 76 -43.70 12.14 -20.12
C GLU E 76 -42.95 11.72 -18.85
N GLY E 78 -43.80 11.35 -15.73
CA GLY E 78 -43.90 12.14 -14.51
C GLY E 78 -43.20 13.50 -14.64
N LYS E 79 -42.77 13.83 -15.85
CA LYS E 79 -42.09 15.10 -16.08
C LYS E 79 -42.87 16.03 -16.99
N PHE E 80 -42.79 17.33 -16.73
CA PHE E 80 -43.46 18.33 -17.57
C PHE E 80 -42.39 19.11 -18.34
N PHE E 81 -42.76 19.59 -19.53
CA PHE E 81 -41.82 20.36 -20.34
C PHE E 81 -42.50 21.19 -21.41
N LEU E 82 -41.93 22.35 -21.71
CA LEU E 82 -42.43 23.14 -22.83
C LEU E 82 -41.87 22.36 -24.02
N ILE E 83 -42.56 22.45 -25.16
CA ILE E 83 -42.13 21.75 -26.37
C ILE E 83 -42.00 22.72 -27.55
N SER E 84 -40.98 22.52 -28.38
CA SER E 84 -40.76 23.38 -29.54
C SER E 84 -41.88 23.24 -30.56
N ASP E 85 -42.00 24.22 -31.45
CA ASP E 85 -43.04 24.21 -32.47
C ASP E 85 -43.00 22.93 -33.30
N ASN E 86 -41.81 22.41 -33.56
CA ASN E 86 -41.69 21.20 -34.37
C ASN E 86 -41.86 19.89 -33.58
N ASN E 87 -42.21 20.02 -32.29
CA ASN E 87 -42.44 18.86 -31.43
C ASN E 87 -41.21 18.07 -31.07
N ARG E 88 -40.05 18.59 -31.46
CA ARG E 88 -38.81 17.89 -31.24
C ARG E 88 -38.04 18.18 -29.96
N ASP E 89 -37.92 19.46 -29.61
CA ASP E 89 -37.12 19.87 -28.46
C ASP E 89 -37.89 20.17 -27.18
N LYS E 90 -37.35 19.70 -26.06
CA LYS E 90 -37.98 19.85 -24.76
C LYS E 90 -37.26 20.82 -23.82
N LEU E 91 -38.05 21.57 -23.05
CA LEU E 91 -37.51 22.45 -22.03
C LEU E 91 -38.20 22.04 -20.71
N TYR E 92 -37.52 21.21 -19.94
CA TYR E 92 -38.11 20.67 -18.71
C TYR E 92 -38.39 21.77 -17.68
N VAL E 93 -39.55 21.69 -17.04
CA VAL E 93 -39.92 22.69 -16.05
C VAL E 93 -40.52 22.07 -14.81
N ASN E 94 -40.56 22.87 -13.76
CA ASN E 94 -41.22 22.47 -12.52
C ASN E 94 -42.43 23.37 -12.42
N ILE E 95 -43.54 22.80 -11.97
CA ILE E 95 -44.78 23.55 -11.81
C ILE E 95 -45.04 23.63 -10.31
N ARG E 96 -45.21 24.85 -9.80
CA ARG E 96 -45.38 25.01 -8.36
C ARG E 96 -46.28 26.20 -8.00
N PRO E 97 -47.24 25.98 -7.12
CA PRO E 97 -48.11 27.08 -6.68
C PRO E 97 -47.28 28.05 -5.84
N THR E 98 -47.58 29.33 -5.93
CA THR E 98 -46.84 30.34 -5.18
C THR E 98 -47.14 30.31 -3.68
N ASP E 99 -48.31 29.78 -3.33
CA ASP E 99 -48.70 29.67 -1.92
C ASP E 99 -48.21 28.35 -1.33
N ASN E 100 -48.63 28.04 -0.11
CA ASN E 100 -48.18 26.82 0.55
C ASN E 100 -49.07 25.60 0.34
N SER E 101 -49.90 25.63 -0.70
CA SER E 101 -50.81 24.52 -0.95
C SER E 101 -50.12 23.25 -1.48
N ALA E 102 -50.68 22.11 -1.10
CA ALA E 102 -50.12 20.81 -1.51
C ALA E 102 -50.81 20.26 -2.75
N TRP E 103 -49.99 19.85 -3.72
CA TRP E 103 -50.49 19.30 -4.98
C TRP E 103 -49.77 18.00 -5.32
N THR E 104 -50.34 17.25 -6.26
CA THR E 104 -49.78 15.97 -6.70
C THR E 104 -49.71 15.92 -8.22
N THR E 105 -48.71 15.21 -8.75
CA THR E 105 -48.56 15.03 -10.18
C THR E 105 -48.91 13.59 -10.52
N ASP E 106 -49.77 13.40 -11.52
CA ASP E 106 -50.18 12.07 -11.93
C ASP E 106 -50.33 12.01 -13.44
N ASN E 107 -49.32 11.49 -14.11
CA ASN E 107 -49.40 11.28 -15.56
C ASN E 107 -49.90 12.48 -16.34
N GLY E 108 -49.22 13.61 -16.23
CA GLY E 108 -49.60 14.80 -16.98
C GLY E 108 -50.64 15.67 -16.29
N VAL E 109 -51.14 15.20 -15.15
CA VAL E 109 -52.13 15.98 -14.39
C VAL E 109 -51.49 16.52 -13.12
N PHE E 110 -51.70 17.80 -12.84
CA PHE E 110 -51.21 18.43 -11.63
C PHE E 110 -52.46 18.79 -10.83
N TYR E 111 -52.74 18.03 -9.77
CA TYR E 111 -53.95 18.26 -8.99
C TYR E 111 -53.76 18.63 -7.52
N LYS E 112 -54.73 19.35 -6.97
CA LYS E 112 -54.67 19.80 -5.58
C LYS E 112 -55.07 18.69 -4.63
N ASN E 113 -54.33 18.54 -3.53
CA ASN E 113 -54.59 17.47 -2.55
C ASN E 113 -55.90 17.60 -1.81
N ASP E 114 -56.41 18.82 -1.70
CA ASP E 114 -57.66 19.08 -1.00
C ASP E 114 -58.75 19.56 -1.95
N VAL E 115 -60.00 19.36 -1.57
CA VAL E 115 -61.12 19.84 -2.37
C VAL E 115 -61.23 21.33 -2.10
N GLY E 116 -61.99 22.05 -2.91
CA GLY E 116 -62.17 23.49 -2.69
C GLY E 116 -61.98 24.33 -3.95
N SER E 117 -62.67 25.47 -4.02
CA SER E 117 -62.57 26.37 -5.16
C SER E 117 -61.33 27.25 -5.00
N TRP E 118 -60.18 26.68 -5.29
CA TRP E 118 -58.92 27.39 -5.16
C TRP E 118 -58.72 28.48 -6.21
N GLY E 119 -58.13 29.58 -5.76
CA GLY E 119 -57.74 30.69 -6.64
C GLY E 119 -56.26 30.87 -6.31
N GLY E 120 -55.42 31.01 -7.33
CA GLY E 120 -53.99 31.17 -7.04
C GLY E 120 -53.11 31.28 -8.27
N ILE E 121 -51.81 31.33 -8.05
CA ILE E 121 -50.84 31.47 -9.12
C ILE E 121 -49.98 30.22 -9.18
N ILE E 122 -49.79 29.69 -10.38
CA ILE E 122 -48.93 28.52 -10.57
C ILE E 122 -47.71 29.03 -11.31
N GLY E 123 -46.53 28.89 -10.69
CA GLY E 123 -45.31 29.35 -11.32
C GLY E 123 -44.66 28.25 -12.16
N ILE E 124 -44.11 28.64 -13.30
CA ILE E 124 -43.43 27.70 -14.21
C ILE E 124 -41.95 28.08 -14.18
N TYR E 125 -41.11 27.16 -13.73
CA TYR E 125 -39.68 27.40 -13.63
C TYR E 125 -38.85 26.38 -14.39
N VAL E 126 -37.69 26.81 -14.87
CA VAL E 126 -36.77 25.90 -15.55
C VAL E 126 -36.30 24.84 -14.57
N ASP E 127 -36.39 23.57 -14.96
CA ASP E 127 -35.99 22.45 -14.11
C ASP E 127 -34.64 21.90 -14.56
N GLY E 128 -33.56 22.39 -13.95
CA GLY E 128 -32.20 21.97 -14.27
C GLY E 128 -31.56 22.86 -15.33
N GLN E 129 -30.23 22.93 -15.32
CA GLN E 129 -29.48 23.72 -16.29
C GLN E 129 -29.77 23.23 -17.70
N GLN E 130 -30.31 24.11 -18.54
CA GLN E 130 -30.62 23.75 -19.91
C GLN E 130 -30.17 24.83 -20.89
N THR E 131 -28.97 25.33 -20.66
CA THR E 131 -28.39 26.41 -21.45
C THR E 131 -28.01 25.98 -22.86
N ASN E 132 -28.26 24.72 -23.19
CA ASN E 132 -27.97 24.22 -24.54
C ASN E 132 -29.23 24.07 -25.36
N THR E 133 -30.34 24.55 -24.82
CA THR E 133 -31.62 24.45 -25.50
C THR E 133 -31.53 25.12 -26.87
N PRO E 134 -31.97 24.42 -27.91
CA PRO E 134 -31.92 24.98 -29.27
C PRO E 134 -32.88 26.18 -29.39
N PRO E 135 -32.47 27.20 -30.12
CA PRO E 135 -33.34 28.36 -30.30
C PRO E 135 -34.62 27.90 -30.99
N GLY E 136 -35.73 28.50 -30.63
CA GLY E 136 -37.01 28.14 -31.21
C GLY E 136 -38.13 28.70 -30.33
N ASN E 137 -39.37 28.38 -30.71
CA ASN E 137 -40.55 28.81 -29.97
C ASN E 137 -41.06 27.62 -29.16
N TYR E 138 -41.18 27.80 -27.86
CA TYR E 138 -41.61 26.73 -26.95
C TYR E 138 -42.95 27.02 -26.28
N THR E 139 -43.75 25.99 -26.08
CA THR E 139 -45.08 26.17 -25.50
C THR E 139 -45.43 25.09 -24.49
N LEU E 140 -46.17 25.50 -23.46
CA LEU E 140 -46.73 24.58 -22.47
C LEU E 140 -48.21 24.92 -22.33
N THR E 141 -49.07 23.95 -22.60
CA THR E 141 -50.52 24.17 -22.56
C THR E 141 -51.12 23.42 -21.38
N LEU E 142 -51.91 24.14 -20.57
CA LEU E 142 -52.53 23.56 -19.39
C LEU E 142 -54.04 23.81 -19.42
N THR E 143 -54.82 22.75 -19.27
CA THR E 143 -56.28 22.85 -19.27
C THR E 143 -56.85 22.66 -17.87
N GLY E 144 -57.82 23.50 -17.51
CA GLY E 144 -58.43 23.44 -16.19
C GLY E 144 -59.49 22.34 -16.10
N GLY E 145 -59.61 21.75 -14.92
CA GLY E 145 -60.59 20.70 -14.68
C GLY E 145 -60.48 20.22 -13.24
N TYR E 146 -60.95 19.02 -12.99
CA TYR E 146 -60.87 18.47 -11.63
C TYR E 146 -60.54 16.99 -11.62
N TRP E 147 -60.02 16.52 -10.49
CA TRP E 147 -59.59 15.14 -10.29
C TRP E 147 -60.69 14.40 -9.55
N ALA E 148 -60.90 13.13 -9.88
CA ALA E 148 -61.92 12.32 -9.22
C ALA E 148 -61.81 10.87 -9.66
N GLY F 10 -35.03 -3.38 14.69
CA GLY F 10 -36.38 -2.89 14.46
C GLY F 10 -37.39 -3.74 15.22
N SER F 11 -37.31 -3.69 16.54
CA SER F 11 -38.21 -4.47 17.38
C SER F 11 -38.99 -3.60 18.37
N PHE F 12 -40.31 -3.81 18.43
CA PHE F 12 -41.16 -3.09 19.36
C PHE F 12 -41.49 -3.97 20.57
N THR F 13 -41.33 -3.42 21.77
CA THR F 13 -41.65 -4.14 23.00
C THR F 13 -42.90 -3.52 23.62
N PRO F 14 -44.01 -4.24 23.63
CA PRO F 14 -45.24 -3.73 24.22
C PRO F 14 -45.02 -3.46 25.71
N SER F 15 -45.32 -2.24 26.15
CA SER F 15 -45.14 -1.88 27.55
C SER F 15 -45.84 -0.57 27.85
N GLY F 16 -47.14 -0.65 28.13
CA GLY F 16 -47.93 0.53 28.39
C GLY F 16 -49.40 0.24 28.10
N THR F 17 -50.19 1.29 28.00
CA THR F 17 -51.61 1.15 27.77
C THR F 17 -52.00 1.39 26.30
N THR F 18 -53.28 1.18 26.00
CA THR F 18 -53.77 1.32 24.64
C THR F 18 -54.74 2.48 24.51
N GLY F 19 -54.56 3.27 23.46
CA GLY F 19 -55.43 4.41 23.18
C GLY F 19 -56.21 4.05 21.92
N THR F 20 -57.50 4.36 21.92
CA THR F 20 -58.34 4.05 20.76
C THR F 20 -58.95 5.32 20.18
N THR F 21 -58.68 5.59 18.91
CA THR F 21 -59.24 6.75 18.24
C THR F 21 -60.42 6.27 17.42
N LYS F 22 -61.61 6.81 17.70
CA LYS F 22 -62.82 6.37 17.02
C LYS F 22 -63.47 7.50 16.27
N LEU F 23 -64.05 7.18 15.12
CA LEU F 23 -64.73 8.16 14.30
C LEU F 23 -65.88 7.51 13.56
N THR F 24 -67.05 8.13 13.65
CA THR F 24 -68.20 7.65 12.90
C THR F 24 -68.36 8.57 11.69
N VAL F 25 -68.34 7.99 10.50
CA VAL F 25 -68.49 8.75 9.27
C VAL F 25 -69.95 8.59 8.80
N THR F 26 -70.56 9.70 8.42
CA THR F 26 -71.96 9.69 8.00
C THR F 26 -72.13 10.41 6.67
N GLU F 27 -73.36 10.39 6.16
CA GLU F 27 -73.71 11.15 4.96
C GLU F 27 -74.10 12.52 5.50
N LYS F 28 -74.51 13.43 4.61
CA LYS F 28 -74.92 14.77 5.03
C LYS F 28 -76.04 14.75 6.07
N CYS F 29 -77.07 13.96 5.82
CA CYS F 29 -78.16 13.79 6.79
C CYS F 29 -77.61 12.83 7.83
N GLN F 30 -77.30 13.38 9.00
CA GLN F 30 -76.61 12.70 10.08
C GLN F 30 -77.53 12.57 11.30
N VAL F 31 -77.72 11.34 11.77
CA VAL F 31 -78.59 11.07 12.91
C VAL F 31 -77.81 10.53 14.11
N ARG F 32 -77.59 11.41 15.08
CA ARG F 32 -76.84 11.06 16.28
C ARG F 32 -77.76 10.45 17.33
N VAL F 33 -77.49 9.19 17.68
CA VAL F 33 -78.28 8.46 18.65
C VAL F 33 -77.48 8.21 19.93
N GLY F 34 -78.04 8.56 21.07
CA GLY F 34 -77.35 8.35 22.34
C GLY F 34 -76.30 9.43 22.60
N ASP F 35 -75.40 9.13 23.53
CA ASP F 35 -74.33 10.04 23.94
C ASP F 35 -73.44 10.55 22.82
N LEU F 36 -72.90 11.74 23.01
CA LEU F 36 -72.03 12.36 22.05
C LEU F 36 -70.77 11.52 21.78
N THR F 37 -70.44 11.38 20.50
CA THR F 37 -69.25 10.66 20.09
C THR F 37 -68.66 11.45 18.93
N VAL F 38 -67.43 11.17 18.55
CA VAL F 38 -66.81 11.86 17.44
C VAL F 38 -67.43 11.38 16.13
N ALA F 39 -68.09 12.27 15.42
CA ALA F 39 -68.72 11.93 14.14
C ALA F 39 -68.53 13.07 13.16
N LYS F 40 -68.33 12.71 11.89
CA LYS F 40 -68.14 13.69 10.83
C LYS F 40 -68.83 13.20 9.57
N THR F 41 -69.28 14.14 8.75
CA THR F 41 -69.86 13.77 7.47
C THR F 41 -68.67 13.45 6.58
N ARG F 42 -68.88 12.65 5.53
CA ARG F 42 -67.78 12.32 4.63
C ARG F 42 -67.21 13.59 3.96
N GLY F 43 -68.05 14.61 3.81
CA GLY F 43 -67.62 15.87 3.19
C GLY F 43 -66.61 16.62 4.05
N GLN F 44 -66.55 16.27 5.33
CA GLN F 44 -65.65 16.92 6.28
C GLN F 44 -64.28 16.26 6.31
N LEU F 45 -64.14 15.15 5.59
CA LEU F 45 -62.88 14.44 5.56
C LEU F 45 -61.93 15.02 4.53
N THR F 46 -61.66 16.32 4.65
CA THR F 46 -60.75 17.02 3.77
C THR F 46 -59.30 16.77 4.19
N ASP F 47 -58.36 17.04 3.29
CA ASP F 47 -56.94 16.79 3.59
C ASP F 47 -56.51 17.54 4.84
N ALA F 48 -55.83 16.83 5.75
CA ALA F 48 -55.33 17.41 6.99
C ALA F 48 -56.40 17.70 8.04
N ALA F 49 -57.63 17.29 7.79
CA ALA F 49 -58.69 17.51 8.77
C ALA F 49 -58.31 16.75 10.05
N PRO F 50 -58.42 17.40 11.20
CA PRO F 50 -58.08 16.73 12.45
C PRO F 50 -59.14 15.70 12.84
N ILE F 51 -58.69 14.56 13.34
CA ILE F 51 -59.60 13.51 13.78
C ILE F 51 -59.68 13.52 15.30
N GLY F 52 -58.54 13.68 15.95
CA GLY F 52 -58.51 13.72 17.40
C GLY F 52 -57.10 13.54 17.90
N PRO F 53 -56.85 14.01 19.12
CA PRO F 53 -55.53 13.90 19.71
C PRO F 53 -55.40 12.61 20.50
N VAL F 54 -54.15 12.18 20.67
CA VAL F 54 -53.83 10.99 21.47
C VAL F 54 -52.77 11.43 22.47
N THR F 55 -53.09 11.36 23.75
CA THR F 55 -52.13 11.75 24.78
C THR F 55 -51.16 10.61 25.02
N VAL F 56 -49.92 10.98 25.30
CA VAL F 56 -48.88 10.01 25.57
C VAL F 56 -48.10 10.48 26.78
N GLN F 57 -47.94 9.60 27.76
CA GLN F 57 -47.18 9.93 28.96
C GLN F 57 -46.27 8.75 29.29
N ALA F 58 -44.98 8.91 29.07
CA ALA F 58 -44.03 7.84 29.35
C ALA F 58 -43.38 8.05 30.71
N LEU F 59 -43.09 6.94 31.39
CA LEU F 59 -42.43 6.97 32.69
C LEU F 59 -41.37 5.86 32.71
N GLY F 60 -40.21 6.16 33.28
CA GLY F 60 -39.12 5.19 33.38
C GLY F 60 -38.44 4.84 32.06
N CYS F 61 -38.53 5.73 31.08
CA CYS F 61 -37.93 5.50 29.76
C CYS F 61 -36.71 6.38 29.47
N ASP F 62 -35.93 6.71 30.50
CA ASP F 62 -34.76 7.56 30.31
C ASP F 62 -33.77 7.00 29.31
N ALA F 63 -33.73 5.67 29.18
CA ALA F 63 -32.79 5.02 28.28
C ALA F 63 -33.43 4.20 27.16
N ARG F 64 -34.68 4.48 26.87
CA ARG F 64 -35.37 3.76 25.81
C ARG F 64 -36.11 4.73 24.90
N GLN F 65 -36.40 4.31 23.68
CA GLN F 65 -37.10 5.14 22.72
C GLN F 65 -38.59 4.86 22.77
N VAL F 66 -39.37 5.85 23.23
CA VAL F 66 -40.82 5.72 23.34
C VAL F 66 -41.43 5.38 21.98
N ALA F 67 -42.43 4.50 21.99
CA ALA F 67 -43.06 4.06 20.75
C ALA F 67 -44.53 3.70 20.89
N LEU F 68 -45.25 3.81 19.77
CA LEU F 68 -46.66 3.45 19.69
C LEU F 68 -46.78 2.46 18.53
N LYS F 69 -47.46 1.35 18.77
CA LYS F 69 -47.66 0.34 17.71
C LYS F 69 -49.13 0.25 17.34
N ALA F 70 -49.42 0.34 16.06
CA ALA F 70 -50.80 0.26 15.58
C ALA F 70 -51.24 -1.21 15.49
N ASP F 71 -52.54 -1.45 15.66
CA ASP F 71 -53.06 -2.80 15.53
C ASP F 71 -52.77 -3.26 14.12
N THR F 72 -52.60 -4.56 13.93
CA THR F 72 -52.29 -5.12 12.60
C THR F 72 -53.22 -4.61 11.51
N ASP F 73 -54.51 -4.47 11.85
CA ASP F 73 -55.52 -4.05 10.90
C ASP F 73 -55.48 -2.56 10.57
N ASN F 74 -54.58 -1.82 11.22
CA ASN F 74 -54.51 -0.37 11.02
C ASN F 74 -53.30 0.11 10.22
N PHE F 75 -52.52 -0.81 9.66
CA PHE F 75 -51.37 -0.37 8.89
C PHE F 75 -50.98 -1.34 7.80
N GLU F 76 -50.20 -0.81 6.85
CA GLU F 76 -49.70 -1.59 5.73
C GLU F 76 -48.80 -0.73 4.83
N GLN F 77 -47.63 -1.25 4.47
CA GLN F 77 -46.70 -0.53 3.60
C GLN F 77 -46.35 0.87 4.05
N GLY F 78 -46.08 1.02 5.34
CA GLY F 78 -45.67 2.31 5.86
C GLY F 78 -46.81 3.32 5.98
N LYS F 79 -48.05 2.87 5.77
CA LYS F 79 -49.20 3.75 5.86
C LYS F 79 -50.11 3.37 7.02
N PHE F 80 -50.64 4.38 7.71
CA PHE F 80 -51.56 4.16 8.83
C PHE F 80 -52.98 4.52 8.38
N PHE F 81 -53.97 3.87 8.97
CA PHE F 81 -55.36 4.17 8.63
C PHE F 81 -56.33 3.67 9.68
N LEU F 82 -57.44 4.40 9.87
CA LEU F 82 -58.49 3.91 10.73
C LEU F 82 -59.15 2.88 9.83
N ILE F 83 -59.76 1.87 10.43
CA ILE F 83 -60.42 0.80 9.69
C ILE F 83 -61.88 0.70 10.16
N SER F 84 -62.79 0.42 9.22
CA SER F 84 -64.20 0.28 9.55
C SER F 84 -64.43 -0.99 10.37
N ASP F 85 -65.59 -1.08 11.02
CA ASP F 85 -65.93 -2.22 11.86
C ASP F 85 -65.84 -3.55 11.11
N ASN F 86 -66.16 -3.54 9.82
CA ASN F 86 -66.14 -4.80 9.05
C ASN F 86 -64.76 -5.10 8.44
N ASN F 87 -63.76 -4.31 8.80
CA ASN F 87 -62.39 -4.53 8.34
C ASN F 87 -62.18 -4.25 6.87
N ARG F 88 -63.18 -3.67 6.22
CA ARG F 88 -63.13 -3.45 4.78
C ARG F 88 -62.67 -2.07 4.31
N ASP F 89 -63.14 -1.02 4.96
CA ASP F 89 -62.86 0.34 4.52
C ASP F 89 -61.79 1.09 5.31
N LYS F 90 -60.91 1.78 4.59
CA LYS F 90 -59.79 2.51 5.19
C LYS F 90 -59.91 4.02 5.11
N LEU F 91 -59.46 4.67 6.17
CA LEU F 91 -59.42 6.12 6.22
C LEU F 91 -57.97 6.44 6.56
N TYR F 92 -57.18 6.72 5.53
CA TYR F 92 -55.74 6.99 5.70
C TYR F 92 -55.49 8.24 6.52
N VAL F 93 -54.53 8.15 7.43
CA VAL F 93 -54.20 9.27 8.29
C VAL F 93 -52.71 9.46 8.44
N ASN F 94 -52.35 10.66 8.89
CA ASN F 94 -50.97 10.99 9.23
C ASN F 94 -50.97 11.11 10.74
N ILE F 95 -49.90 10.61 11.35
CA ILE F 95 -49.73 10.67 12.79
C ILE F 95 -48.56 11.62 13.05
N ARG F 96 -48.79 12.65 13.86
CA ARG F 96 -47.76 13.65 14.08
C ARG F 96 -47.81 14.28 15.46
N PRO F 97 -46.68 14.32 16.15
CA PRO F 97 -46.62 14.96 17.46
C PRO F 97 -46.89 16.45 17.28
N THR F 98 -47.52 17.08 18.27
CA THR F 98 -47.83 18.50 18.19
C THR F 98 -46.59 19.36 18.43
N ASP F 99 -45.57 18.79 19.07
CA ASP F 99 -44.34 19.53 19.33
C ASP F 99 -43.32 19.34 18.19
N ASN F 100 -42.08 19.74 18.42
CA ASN F 100 -41.07 19.63 17.38
C ASN F 100 -40.20 18.38 17.46
N SER F 101 -40.66 17.37 18.19
CA SER F 101 -39.89 16.15 18.33
C SER F 101 -39.87 15.31 17.05
N ALA F 102 -38.77 14.62 16.82
CA ALA F 102 -38.60 13.80 15.62
C ALA F 102 -38.98 12.34 15.86
N TRP F 103 -39.77 11.77 14.96
CA TRP F 103 -40.24 10.39 15.06
C TRP F 103 -40.07 9.65 13.74
N THR F 104 -40.07 8.33 13.80
CA THR F 104 -39.90 7.49 12.61
C THR F 104 -41.01 6.43 12.53
N THR F 105 -41.41 6.07 11.32
CA THR F 105 -42.40 5.04 11.10
C THR F 105 -41.68 3.77 10.61
N ASP F 106 -41.90 2.64 11.28
CA ASP F 106 -41.29 1.36 10.87
C ASP F 106 -42.31 0.23 10.97
N ASN F 107 -42.95 -0.08 9.85
CA ASN F 107 -43.88 -1.21 9.79
C ASN F 107 -44.94 -1.24 10.89
N GLY F 108 -45.76 -0.20 10.97
CA GLY F 108 -46.83 -0.16 11.97
C GLY F 108 -46.41 0.43 13.31
N VAL F 109 -45.12 0.70 13.45
CA VAL F 109 -44.60 1.29 14.70
C VAL F 109 -44.23 2.74 14.44
N PHE F 110 -44.66 3.63 15.34
CA PHE F 110 -44.30 5.05 15.25
C PHE F 110 -43.43 5.30 16.48
N TYR F 111 -42.12 5.47 16.27
CA TYR F 111 -41.20 5.64 17.40
C TYR F 111 -40.40 6.94 17.42
N LYS F 112 -40.03 7.37 18.63
CA LYS F 112 -39.28 8.62 18.82
C LYS F 112 -37.80 8.39 18.50
N ASN F 113 -37.19 9.34 17.78
CA ASN F 113 -35.79 9.20 17.36
C ASN F 113 -34.75 9.20 18.46
N ASP F 114 -35.13 9.65 19.65
CA ASP F 114 -34.19 9.75 20.76
C ASP F 114 -34.79 9.08 21.99
N VAL F 115 -33.93 8.66 22.92
CA VAL F 115 -34.41 8.06 24.17
C VAL F 115 -34.98 9.16 25.07
N GLY F 116 -35.71 8.77 26.11
CA GLY F 116 -36.26 9.74 27.05
C GLY F 116 -37.72 9.48 27.39
N SER F 117 -38.12 9.86 28.59
CA SER F 117 -39.50 9.68 29.05
C SER F 117 -40.37 10.83 28.52
N TRP F 118 -40.69 10.76 27.24
CA TRP F 118 -41.47 11.79 26.60
C TRP F 118 -42.94 11.81 27.04
N GLY F 119 -43.48 13.01 27.15
CA GLY F 119 -44.90 13.24 27.42
C GLY F 119 -45.32 14.19 26.31
N GLY F 120 -46.49 13.97 25.73
CA GLY F 120 -46.94 14.84 24.66
C GLY F 120 -48.25 14.42 24.02
N ILE F 121 -48.62 15.14 22.97
CA ILE F 121 -49.84 14.89 22.23
C ILE F 121 -49.50 14.44 20.81
N ILE F 122 -50.15 13.38 20.35
CA ILE F 122 -49.96 12.90 18.99
C ILE F 122 -51.26 13.19 18.26
N GLY F 123 -51.17 13.98 17.20
CA GLY F 123 -52.37 14.32 16.43
C GLY F 123 -52.60 13.30 15.32
N ILE F 124 -53.88 13.01 15.06
CA ILE F 124 -54.29 12.10 14.00
C ILE F 124 -55.02 12.96 12.98
N TYR F 125 -54.52 13.01 11.75
CA TYR F 125 -55.13 13.84 10.70
C TYR F 125 -55.46 13.05 9.43
N VAL F 126 -56.50 13.49 8.73
CA VAL F 126 -56.86 12.86 7.46
C VAL F 126 -55.72 13.08 6.47
N ASP F 127 -55.25 12.00 5.85
CA ASP F 127 -54.16 12.06 4.88
C ASP F 127 -54.72 12.02 3.45
N GLY F 128 -54.92 13.20 2.87
CA GLY F 128 -55.49 13.34 1.54
C GLY F 128 -57.02 13.42 1.66
N GLN F 129 -57.66 14.28 0.88
CA GLN F 129 -59.11 14.41 0.95
C GLN F 129 -59.71 13.03 0.66
N GLN F 130 -60.60 12.56 1.53
CA GLN F 130 -61.22 11.25 1.36
C GLN F 130 -62.73 11.41 1.59
N THR F 131 -63.30 12.39 0.91
CA THR F 131 -64.72 12.73 1.04
C THR F 131 -65.68 11.68 0.48
N ASN F 132 -65.13 10.57 -0.02
CA ASN F 132 -65.93 9.47 -0.56
C ASN F 132 -65.97 8.29 0.38
N THR F 133 -65.39 8.46 1.56
CA THR F 133 -65.35 7.38 2.54
C THR F 133 -66.77 6.90 2.83
N PRO F 134 -66.98 5.60 2.82
CA PRO F 134 -68.30 5.04 3.10
C PRO F 134 -68.67 5.28 4.56
N PRO F 135 -69.95 5.53 4.82
CA PRO F 135 -70.41 5.74 6.20
C PRO F 135 -70.14 4.47 7.00
N GLY F 136 -69.75 4.64 8.26
CA GLY F 136 -69.46 3.49 9.11
C GLY F 136 -68.69 3.95 10.35
N ASN F 137 -68.34 3.00 11.21
CA ASN F 137 -67.58 3.28 12.43
C ASN F 137 -66.14 2.88 12.18
N TYR F 138 -65.23 3.84 12.34
CA TYR F 138 -63.82 3.62 12.07
C TYR F 138 -63.00 3.69 13.35
N THR F 139 -61.94 2.89 13.43
CA THR F 139 -61.13 2.86 14.64
C THR F 139 -59.63 2.78 14.33
N LEU F 140 -58.83 3.38 15.20
CA LEU F 140 -57.37 3.27 15.11
C LEU F 140 -56.91 2.97 16.54
N THR F 141 -56.22 1.84 16.71
CA THR F 141 -55.77 1.41 18.03
C THR F 141 -54.25 1.50 18.13
N LEU F 142 -53.76 2.19 19.15
CA LEU F 142 -52.33 2.39 19.35
C LEU F 142 -51.89 1.92 20.73
N THR F 143 -50.88 1.06 20.77
CA THR F 143 -50.38 0.53 22.04
C THR F 143 -49.01 1.10 22.39
N GLY F 144 -48.85 1.54 23.62
CA GLY F 144 -47.57 2.11 24.06
C GLY F 144 -46.49 1.07 24.36
N GLY F 145 -45.24 1.45 24.15
CA GLY F 145 -44.12 0.58 24.43
C GLY F 145 -42.82 1.27 24.00
N TYR F 146 -41.79 0.50 23.72
CA TYR F 146 -40.54 1.09 23.27
C TYR F 146 -39.94 0.31 22.10
N TRP F 147 -39.11 0.99 21.31
CA TRP F 147 -38.53 0.39 20.11
C TRP F 147 -37.01 0.33 20.20
N ALA F 148 -36.43 -0.60 19.47
CA ALA F 148 -34.97 -0.75 19.45
C ALA F 148 -34.54 -1.43 18.16
N LYS F 149 -33.34 -1.14 17.68
CA LYS F 149 -32.86 -1.80 16.47
C LYS F 149 -31.89 -2.93 16.79
S SO4 G . -2.65 -23.56 -4.38
O1 SO4 G . -3.72 -23.15 -3.42
O2 SO4 G . -2.71 -22.87 -5.66
O3 SO4 G . -1.35 -23.15 -3.77
O4 SO4 G . -2.64 -25.03 -4.44
S SO4 H . 32.98 -24.55 -17.87
O1 SO4 H . 32.62 -23.27 -17.21
O2 SO4 H . 32.75 -24.58 -19.30
O3 SO4 H . 34.47 -24.69 -17.70
O4 SO4 H . 32.38 -25.66 -17.08
S SO4 I . 11.83 -27.25 14.87
O1 SO4 I . 12.58 -27.70 16.08
O2 SO4 I . 12.61 -27.33 13.63
O3 SO4 I . 10.70 -28.23 14.69
O4 SO4 I . 11.21 -25.94 15.17
C1 EDO J . 13.65 -4.56 -16.80
O1 EDO J . 12.62 -5.57 -16.69
C2 EDO J . 13.58 -3.90 -18.14
O2 EDO J . 13.50 -4.80 -19.29
O2 BRX K . 19.34 -26.63 -7.15
C2 BRX K . 20.49 -26.87 -7.12
N2 BRX K . 20.97 -28.07 -7.18
C3 BRX K . 20.30 -29.32 -7.53
C4 BRX K . 19.97 -30.10 -6.29
O4 BRX K . 21.35 -30.44 -5.98
C5 BRX K . 20.55 -29.73 -8.90
O5 BRX K . 21.91 -30.07 -8.74
C6 BRX K . 19.96 -29.27 -10.08
C11 BRX K . 20.90 -28.82 -10.96
C10 BRX K . 20.43 -28.15 -12.18
C9 BRX K . 19.08 -28.00 -12.40
N9 BRX K . 18.57 -27.34 -13.62
O9B BRX K . 17.38 -27.22 -13.80
O9A BRX K . 19.37 -26.93 -14.46
C8 BRX K . 18.18 -28.47 -11.46
C7 BRX K . 18.64 -29.11 -10.22
C1 BRX K . 21.24 -25.67 -7.13
BR1 BRX K . 21.87 -24.83 -8.79
BR2 BRX K . 20.80 -24.30 -5.78
C1 CLM L . 21.46 -25.73 -7.12
CL1 CLM L . 20.73 -24.14 -6.08
CL2 CLM L . 21.61 -25.08 -9.03
C2 CLM L . 20.42 -26.87 -6.97
O2 CLM L . 19.40 -26.76 -6.34
N2 CLM L . 20.84 -27.87 -7.54
C3 CLM L . 20.36 -29.25 -7.56
C4 CLM L . 20.51 -29.87 -6.19
O4 CLM L . 21.50 -30.90 -6.44
C5 CLM L . 20.40 -29.83 -8.89
O5 CLM L . 21.75 -30.32 -8.74
C6 CLM L . 19.89 -29.26 -10.07
C7 CLM L . 20.85 -28.91 -10.99
C8 CLM L . 20.45 -28.25 -12.13
C9 CLM L . 19.14 -27.95 -12.28
N9 CLM L . 18.70 -27.22 -13.53
O9A CLM L . 17.53 -26.95 -13.66
O9B CLM L . 19.60 -26.95 -14.33
C10 CLM L . 18.15 -28.26 -11.35
C11 CLM L . 18.56 -28.93 -10.18
S SO4 M . 62.23 -35.21 29.53
O1 SO4 M . 63.14 -34.69 30.58
O2 SO4 M . 60.98 -35.76 30.04
O3 SO4 M . 61.84 -34.05 28.69
O4 SO4 M . 63.03 -36.10 28.67
S SO4 N . 36.15 -32.62 1.70
O1 SO4 N . 36.29 -31.57 2.76
O2 SO4 N . 35.13 -33.62 1.99
O3 SO4 N . 35.68 -31.89 0.47
O4 SO4 N . 37.49 -33.13 1.39
C1 EDO O . 35.67 -27.15 29.00
O1 EDO O . 36.72 -28.14 29.16
C2 EDO O . 34.41 -27.68 29.59
O2 EDO O . 34.07 -29.06 29.23
O2 BRX P . 64.57 -20.60 3.86
C2 BRX P . 64.36 -20.55 5.04
N2 BRX P . 63.77 -21.55 5.64
C3 BRX P . 63.75 -22.98 5.36
C4 BRX P . 62.35 -23.52 5.12
O4 BRX P . 61.39 -22.54 4.76
C5 BRX P . 64.86 -23.89 5.60
O5 BRX P . 64.42 -24.19 6.97
C1 BRX P . 64.68 -19.30 5.84
BR1 BRX P . 64.20 -17.72 4.78
BR2 BRX P . 66.60 -19.27 6.21
O2 BRX Q . 51.56 -30.87 10.24
C2 BRX Q . 51.06 -30.58 9.22
N2 BRX Q . 51.40 -31.12 8.09
C3 BRX Q . 52.13 -32.35 7.80
C4 BRX Q . 53.57 -32.05 7.49
O4 BRX Q . 53.35 -30.99 6.51
C5 BRX Q . 51.26 -33.46 7.49
O5 BRX Q . 50.84 -33.00 6.21
C6 BRX Q . 50.49 -34.28 8.34
C11 BRX Q . 49.17 -34.29 7.99
C10 BRX Q . 48.22 -34.97 8.88
C9 BRX Q . 48.70 -35.57 10.03
N9 BRX Q . 47.77 -36.28 10.94
O9B BRX Q . 48.19 -36.81 11.95
O9A BRX Q . 46.58 -36.33 10.67
C8 BRX Q . 50.04 -35.52 10.34
C7 BRX Q . 50.98 -34.82 9.46
C1 BRX Q . 49.95 -29.73 9.42
BR1 BRX Q . 48.10 -30.39 9.52
BR2 BRX Q . 50.19 -28.16 10.59
C1 CLM R . 49.88 -29.63 9.28
CL1 CLM R . 50.21 -28.22 10.71
CL2 CLM R . 48.20 -30.60 9.89
C2 CLM R . 51.09 -30.60 9.36
O2 CLM R . 51.91 -30.59 10.25
N2 CLM R . 51.10 -31.32 8.36
C3 CLM R . 52.05 -32.29 7.86
C4 CLM R . 53.25 -31.60 7.27
O4 CLM R . 53.11 -31.93 5.86
C5 CLM R . 51.42 -33.58 7.55
O5 CLM R . 51.13 -33.22 6.19
C6 CLM R . 50.55 -34.30 8.40
C7 CLM R . 49.27 -34.40 7.94
C8 CLM R . 48.33 -35.00 8.76
C9 CLM R . 48.72 -35.45 9.99
N9 CLM R . 47.72 -36.12 10.87
O9A CLM R . 48.07 -36.52 11.96
O9B CLM R . 46.57 -36.21 10.41
C10 CLM R . 50.03 -35.34 10.47
C11 CLM R . 50.98 -34.72 9.64
S SO4 S . 59.33 1.01 -34.52
O1 SO4 S . 59.18 2.43 -34.95
O2 SO4 S . 60.68 0.67 -34.08
O3 SO4 S . 58.47 0.83 -33.32
O4 SO4 S . 58.76 0.14 -35.58
S SO4 T . 56.07 -27.11 -8.65
O1 SO4 T . 56.17 -25.72 -8.12
O2 SO4 T . 57.35 -27.80 -8.74
O3 SO4 T . 55.26 -27.89 -7.66
O4 SO4 T . 55.27 -27.07 -9.90
C1 EDO U . 70.60 -3.41 -9.26
O1 EDO U . 70.48 -3.67 -10.67
C2 EDO U . 71.99 -3.75 -8.82
O2 EDO U . 72.66 -4.79 -9.60
O2 BRX V . 51.41 -14.62 -20.08
C2 BRX V . 50.96 -15.45 -19.39
N2 BRX V . 50.40 -16.52 -19.84
C3 BRX V . 50.44 -17.14 -21.17
C4 BRX V . 49.28 -16.69 -22.04
O4 BRX V . 48.26 -16.43 -21.04
C5 BRX V . 51.33 -18.28 -21.23
O5 BRX V . 50.56 -19.13 -20.41
C6 BRX V . 52.73 -18.32 -21.35
C11 BRX V . 53.30 -19.04 -20.34
C10 BRX V . 54.77 -19.06 -20.24
C9 BRX V . 55.51 -18.35 -21.17
N9 BRX V . 56.99 -18.36 -21.10
O9B BRX V . 57.64 -17.73 -21.93
O9A BRX V . 57.55 -18.98 -20.23
C8 BRX V . 54.87 -17.64 -22.17
C7 BRX V . 53.41 -17.61 -22.26
C1 BRX V . 51.27 -15.19 -18.04
BR1 BRX V . 52.89 -15.87 -17.17
BR2 BRX V . 50.79 -13.42 -17.30
C1 CLM W . 51.07 -15.30 -17.92
CL1 CLM W . 51.04 -13.32 -17.46
CL2 CLM W . 52.90 -15.93 -17.38
C2 CLM W . 50.86 -15.36 -19.45
O2 CLM W . 50.68 -14.38 -20.14
N2 CLM W . 50.85 -16.52 -19.84
C3 CLM W . 50.50 -17.10 -21.13
C4 CLM W . 49.06 -16.77 -21.44
O4 CLM W . 48.40 -18.02 -21.11
C5 CLM W . 51.33 -18.25 -21.46
O5 CLM W . 50.47 -19.17 -20.76
C6 CLM W . 52.74 -18.28 -21.44
C7 CLM W . 53.26 -19.10 -20.47
C8 CLM W . 54.64 -19.11 -20.31
C9 CLM W . 55.40 -18.32 -21.12
N9 CLM W . 56.89 -18.34 -20.95
O9A CLM W . 57.57 -17.64 -21.68
O9B CLM W . 57.32 -19.10 -20.08
C10 CLM W . 54.88 -17.47 -22.10
C11 CLM W . 53.47 -17.45 -22.25
S SO4 X . -1.92 11.51 17.87
O1 SO4 X . -1.29 10.20 18.21
O2 SO4 X . -1.20 12.26 16.83
O3 SO4 X . -3.25 11.21 17.27
O4 SO4 X . -2.17 12.23 19.13
S SO4 Y . -30.31 31.37 1.31
O1 SO4 Y . -29.96 30.02 0.78
O2 SO4 Y . -29.60 32.45 0.64
O3 SO4 Y . -31.76 31.58 0.98
O4 SO4 Y . -30.21 31.32 2.78
S SO4 Z . -22.91 -0.04 23.35
O1 SO4 Z . -22.57 -1.40 22.81
O2 SO4 Z . -22.96 1.01 22.33
O3 SO4 Z . -24.31 -0.14 23.88
O4 SO4 Z . -22.05 0.21 24.52
C1 EDO AA . -8.11 17.10 -8.73
O1 EDO AA . -7.69 17.58 -7.44
C2 EDO AA . -8.01 18.20 -9.73
O2 EDO AA . -7.68 19.52 -9.19
O2 BRX BA . -30.98 8.64 21.86
C2 BRX BA . -29.97 8.18 21.45
N2 BRX BA . -28.95 8.96 21.15
C3 BRX BA . -28.69 10.38 21.34
C4 BRX BA . -28.81 11.17 20.05
O4 BRX BA . -30.04 11.34 19.41
C5 BRX BA . -27.98 10.88 22.52
O5 BRX BA . -26.84 9.98 22.38
C1 BRX BA . -29.83 6.70 21.14
BR1 BRX BA . -31.54 6.01 20.43
BR2 BRX BA . -29.29 5.70 22.77
O2 BRX CA . -22.20 20.02 11.99
C2 BRX CA . -23.25 20.46 11.69
N2 BRX CA . -23.86 21.35 12.41
C3 BRX CA . -23.46 22.04 13.63
C4 BRX CA . -23.75 21.23 14.87
O4 BRX CA . -24.88 20.42 14.44
C5 BRX CA . -23.24 23.44 13.41
O5 BRX CA . -24.61 23.78 13.23
C6 BRX CA . -22.18 24.10 12.78
C11 BRX CA . -22.58 24.86 11.71
C10 BRX CA . -21.56 25.49 10.87
C9 BRX CA . -20.23 25.28 11.17
N9 BRX CA . -19.17 25.92 10.34
O9B BRX CA . -18.00 25.74 10.61
O9A BRX CA . -19.48 26.62 9.39
C8 BRX CA . -19.87 24.50 12.25
C7 BRX CA . -20.90 23.86 13.07
C1 BRX CA . -23.59 20.12 10.38
BR1 BRX CA . -23.13 21.22 8.83
BR2 BRX CA . -23.54 18.21 9.91
C1 CLM DA . -23.81 20.19 10.40
CL1 CLM DA . -23.24 18.32 9.79
CL2 CLM DA . -23.07 21.46 9.03
C2 CLM DA . -23.12 20.41 11.78
O2 CLM DA . -22.32 19.64 12.25
N2 CLM DA . -23.57 21.43 12.30
C3 CLM DA . -23.40 22.02 13.63
C4 CLM DA . -24.12 21.14 14.65
O4 CLM DA . -25.34 20.69 13.98
C5 CLM DA . -23.09 23.44 13.57
O5 CLM DA . -24.48 23.83 13.54
C6 CLM DA . -22.07 24.05 12.82
C7 CLM DA . -22.53 24.88 11.82
C8 CLM DA . -21.61 25.46 10.97
C9 CLM DA . -20.29 25.17 11.15
N9 CLM DA . -19.28 25.81 10.24
O9A CLM DA . -18.11 25.56 10.39
O9B CLM DA . -19.75 26.57 9.38
C10 CLM DA . -19.80 24.32 12.15
C11 CLM DA . -20.75 23.73 13.00
S SO4 EA . -46.69 40.88 -33.99
O1 SO4 EA . -46.27 40.90 -35.43
O2 SO4 EA . -48.14 40.79 -33.81
O3 SO4 EA . -46.13 39.64 -33.40
O4 SO4 EA . -46.03 42.01 -33.32
S SO4 FA . -50.56 30.29 2.68
O1 SO4 FA . -50.40 29.31 1.57
O2 SO4 FA . -51.91 30.81 2.82
O3 SO4 FA . -50.29 29.53 3.94
O4 SO4 FA . -49.48 31.29 2.57
C1 EDO GA . -61.97 22.09 -21.21
O1 EDO GA . -61.92 23.34 -21.94
C2 EDO GA . -63.40 21.72 -20.96
O2 EDO GA . -64.21 22.74 -20.30
O2 BRX HA . -43.28 34.86 -12.72
C2 BRX HA . -42.96 34.52 -11.65
N2 BRX HA . -42.39 35.33 -10.81
C3 BRX HA . -42.30 36.79 -10.84
C4 BRX HA . -40.93 37.25 -11.26
O4 BRX HA . -40.36 37.23 -9.94
C5 BRX HA . -43.31 37.44 -10.02
O5 BRX HA . -42.76 37.11 -8.76
C6 BRX HA . -44.67 37.61 -10.29
C11 BRX HA . -45.46 37.09 -9.31
C10 BRX HA . -46.91 37.07 -9.51
C9 BRX HA . -47.43 37.57 -10.69
N9 BRX HA . -48.90 37.56 -10.92
O9B BRX HA . -49.35 38.00 -11.96
O9A BRX HA . -49.64 37.12 -10.07
C8 BRX HA . -46.59 38.07 -11.66
C7 BRX HA . -45.14 38.08 -11.46
C1 BRX HA . -43.34 33.18 -11.40
BR1 BRX HA . -45.04 32.67 -10.57
BR2 BRX HA . -42.77 31.81 -12.70
C1 CLM IA . -43.20 33.12 -11.17
CL1 CLM IA . -42.96 31.80 -12.70
CL2 CLM IA . -45.13 32.92 -10.60
C2 CLM IA . -42.94 34.53 -11.76
O2 CLM IA . -42.89 34.75 -12.96
N2 CLM IA . -42.71 35.32 -10.85
C3 CLM IA . -42.32 36.73 -10.84
C4 CLM IA . -40.82 36.85 -10.97
O4 CLM IA . -40.45 37.37 -9.66
C5 CLM IA . -43.29 37.58 -10.14
O5 CLM IA . -42.67 37.39 -8.85
C6 CLM IA . -44.68 37.64 -10.36
C7 CLM IA . -45.45 37.23 -9.29
C8 CLM IA . -46.81 37.15 -9.46
C9 CLM IA . -47.35 37.50 -10.67
N9 CLM IA . -48.84 37.44 -10.85
O9A CLM IA . -49.32 37.74 -11.92
O9B CLM IA . -49.48 37.08 -9.85
C10 CLM IA . -46.59 37.91 -11.77
C11 CLM IA . -45.18 37.96 -11.60
S SO4 JA . -75.03 5.46 24.47
O1 SO4 JA . -76.22 4.70 23.99
O2 SO4 JA . -74.32 4.80 25.56
O3 SO4 JA . -74.06 5.49 23.33
O4 SO4 JA . -75.46 6.85 24.69
S SO4 KA . -40.55 22.00 21.34
O1 SO4 KA . -40.76 20.67 20.67
O2 SO4 KA . -40.09 21.89 22.71
O3 SO4 KA . -39.42 22.65 20.60
O4 SO4 KA . -41.73 22.83 21.11
O2 BRX LA . -57.12 17.67 17.79
C2 BRX LA . -56.29 18.32 17.27
N2 BRX LA . -56.31 19.63 17.27
C3 BRX LA . -57.14 20.56 18.01
C4 BRX LA . -58.26 21.18 17.16
O4 BRX LA . -59.21 20.34 16.57
C5 BRX LA . -56.52 21.07 19.22
O5 BRX LA . -55.54 21.87 18.58
C6 BRX LA . -56.36 20.45 20.47
C11 BRX LA . -55.05 20.40 20.85
C10 BRX LA . -54.70 19.65 22.06
C9 BRX LA . -55.71 19.02 22.77
N9 BRX LA . -55.40 18.26 23.99
O9B BRX LA . -56.29 17.72 24.63
O9A BRX LA . -54.24 18.18 24.39
C8 BRX LA . -57.03 19.11 22.33
C7 BRX LA . -57.36 19.85 21.12
C1 BRX LA . -55.22 17.52 16.81
BR1 BRX LA . -53.59 17.19 17.86
BR2 BRX LA . -55.66 15.99 15.64
C1 CLM MA . -55.16 17.65 16.72
CL1 CLM MA . -55.66 15.85 15.91
CL2 CLM MA . -53.92 17.19 18.25
C2 CLM MA . -56.47 18.29 17.21
O2 CLM MA . -57.56 17.76 17.10
N2 CLM MA . -56.24 19.43 17.62
C3 CLM MA . -57.12 20.52 18.05
C4 CLM MA . -57.78 21.14 16.80
O4 CLM MA . -58.94 20.57 16.22
C5 CLM MA . -56.70 21.10 19.31
O5 CLM MA . -55.80 22.03 18.68
C6 CLM MA . -56.43 20.41 20.51
C7 CLM MA . -55.12 20.47 20.90
C8 CLM MA . -54.74 19.74 22.02
C9 CLM MA . -55.68 19.00 22.67
N9 CLM MA . -55.28 18.22 23.88
O9A CLM MA . -56.11 17.56 24.44
O9B CLM MA . -54.09 18.33 24.21
C10 CLM MA . -57.02 18.91 22.26
C11 CLM MA . -57.39 19.65 21.11
#